data_2BL6
#
_entry.id   2BL6
#
_cell.length_a   1.000
_cell.length_b   1.000
_cell.length_c   1.000
_cell.angle_alpha   90.00
_cell.angle_beta   90.00
_cell.angle_gamma   90.00
#
_symmetry.space_group_name_H-M   'P 1'
#
loop_
_entity.id
_entity.type
_entity.pdbx_description
1 polymer 'NUCLEOCAPSID PROTEIN P11'
2 non-polymer 'ZINC ION'
#
_entity_poly.entity_id   1
_entity_poly.type   'polypeptide(L)'
_entity_poly.pdbx_seq_one_letter_code
;QTCYNCGKPGHLSSQCRAPKVCFKCKQPGHFSKQCRS
;
_entity_poly.pdbx_strand_id   A
#
# COMPACT_ATOMS: atom_id res chain seq x y z
N GLN A 1 4.78 -7.33 -4.26
CA GLN A 1 4.43 -5.90 -4.37
C GLN A 1 5.61 -5.01 -3.93
N THR A 2 5.43 -3.68 -3.94
CA THR A 2 6.43 -2.66 -3.59
C THR A 2 5.93 -1.85 -2.39
N CYS A 3 6.83 -1.44 -1.49
CA CYS A 3 6.49 -0.73 -0.26
C CYS A 3 5.84 0.65 -0.48
N TYR A 4 4.97 1.06 0.45
CA TYR A 4 4.47 2.44 0.56
C TYR A 4 5.55 3.46 0.97
N ASN A 5 6.63 3.04 1.62
CA ASN A 5 7.59 3.94 2.29
C ASN A 5 9.07 3.55 2.12
N CYS A 6 9.41 2.26 2.15
CA CYS A 6 10.78 1.77 1.96
C CYS A 6 11.30 1.97 0.51
N GLY A 7 10.37 2.03 -0.46
CA GLY A 7 10.68 2.03 -1.91
C GLY A 7 11.23 0.70 -2.45
N LYS A 8 11.29 -0.36 -1.62
CA LYS A 8 11.79 -1.70 -1.96
C LYS A 8 10.69 -2.59 -2.59
N PRO A 9 11.06 -3.53 -3.49
CA PRO A 9 10.22 -4.66 -3.88
C PRO A 9 10.15 -5.70 -2.72
N GLY A 10 9.63 -6.90 -3.00
CA GLY A 10 9.52 -7.97 -1.99
C GLY A 10 8.64 -7.60 -0.79
N HIS A 11 7.65 -6.73 -1.03
CA HIS A 11 6.79 -6.13 -0.02
C HIS A 11 5.33 -6.55 -0.19
N LEU A 12 4.62 -6.57 0.95
CA LEU A 12 3.25 -7.03 1.15
C LEU A 12 2.66 -6.30 2.37
N SER A 13 1.36 -6.46 2.58
CA SER A 13 0.59 -6.02 3.76
C SER A 13 1.07 -6.59 5.12
N SER A 14 2.09 -7.45 5.11
CA SER A 14 2.75 -8.06 6.28
C SER A 14 4.25 -7.73 6.36
N GLN A 15 4.87 -7.22 5.29
CA GLN A 15 6.24 -6.69 5.30
C GLN A 15 6.27 -5.27 5.89
N CYS A 16 5.26 -4.46 5.53
CA CYS A 16 4.97 -3.12 6.04
C CYS A 16 3.44 -2.94 6.22
N ARG A 17 3.01 -1.79 6.79
CA ARG A 17 1.59 -1.47 7.06
C ARG A 17 0.69 -1.59 5.82
N ALA A 18 1.22 -1.28 4.64
CA ALA A 18 0.63 -1.56 3.34
C ALA A 18 1.69 -1.57 2.22
N PRO A 19 1.42 -2.18 1.06
CA PRO A 19 2.14 -1.88 -0.19
C PRO A 19 1.74 -0.50 -0.74
N LYS A 20 2.44 -0.01 -1.77
CA LYS A 20 2.29 1.33 -2.39
C LYS A 20 0.86 1.69 -2.84
N VAL A 21 -0.01 0.70 -3.00
CA VAL A 21 -1.47 0.85 -3.22
C VAL A 21 -2.13 1.78 -2.17
N CYS A 22 -1.64 1.76 -0.93
CA CYS A 22 -2.17 2.48 0.22
C CYS A 22 -1.02 2.91 1.18
N PHE A 23 -1.35 3.08 2.46
CA PHE A 23 -0.43 3.29 3.59
C PHE A 23 -0.87 2.55 4.88
N LYS A 24 -2.17 2.22 5.02
CA LYS A 24 -2.73 1.56 6.23
C LYS A 24 -4.00 0.76 5.98
N CYS A 25 -5.03 1.37 5.38
CA CYS A 25 -6.38 0.79 5.22
C CYS A 25 -6.51 -0.29 4.13
N LYS A 26 -5.71 -0.21 3.05
CA LYS A 26 -5.40 -1.25 2.03
C LYS A 26 -6.57 -2.11 1.48
N GLN A 27 -7.82 -1.63 1.53
CA GLN A 27 -8.99 -2.35 0.98
C GLN A 27 -8.95 -2.46 -0.56
N PRO A 28 -9.57 -3.49 -1.19
CA PRO A 28 -9.40 -3.85 -2.60
C PRO A 28 -9.60 -2.78 -3.69
N GLY A 29 -10.32 -1.69 -3.42
CA GLY A 29 -10.57 -0.60 -4.40
C GLY A 29 -10.79 0.81 -3.80
N HIS A 30 -10.66 0.97 -2.48
CA HIS A 30 -10.89 2.24 -1.78
C HIS A 30 -9.92 3.37 -2.19
N PHE A 31 -8.70 3.02 -2.61
CA PHE A 31 -7.60 3.96 -2.83
C PHE A 31 -7.94 4.99 -3.91
N SER A 32 -8.57 4.59 -5.01
CA SER A 32 -9.03 5.47 -6.10
C SER A 32 -10.04 6.55 -5.69
N LYS A 33 -10.54 6.52 -4.44
CA LYS A 33 -11.47 7.52 -3.84
C LYS A 33 -11.08 7.97 -2.43
N GLN A 34 -9.85 7.69 -1.97
CA GLN A 34 -9.34 8.14 -0.67
C GLN A 34 -7.81 8.37 -0.64
N CYS A 35 -7.01 7.36 -1.01
CA CYS A 35 -5.55 7.33 -0.83
C CYS A 35 -4.76 7.59 -2.15
N ARG A 36 -5.46 7.74 -3.27
CA ARG A 36 -4.93 7.92 -4.64
C ARG A 36 -5.88 8.71 -5.56
N SER A 37 -6.83 9.46 -4.97
CA SER A 37 -7.85 10.29 -5.64
C SER A 37 -7.28 11.23 -6.72
N GLN A 1 4.85 -6.93 -3.53
CA GLN A 1 4.45 -5.65 -4.16
C GLN A 1 5.12 -4.48 -3.45
N THR A 2 5.66 -3.51 -4.19
CA THR A 2 6.47 -2.39 -3.69
C THR A 2 5.83 -1.64 -2.52
N CYS A 3 6.61 -1.38 -1.47
CA CYS A 3 6.22 -0.67 -0.25
C CYS A 3 5.61 0.72 -0.49
N TYR A 4 4.72 1.16 0.40
CA TYR A 4 4.27 2.57 0.48
C TYR A 4 5.39 3.56 0.83
N ASN A 5 6.48 3.09 1.43
CA ASN A 5 7.53 3.92 2.05
C ASN A 5 8.96 3.50 1.66
N CYS A 6 9.25 2.21 1.70
CA CYS A 6 10.62 1.66 1.61
C CYS A 6 11.15 1.52 0.16
N GLY A 7 10.29 1.70 -0.85
CA GLY A 7 10.65 1.62 -2.28
C GLY A 7 11.22 0.26 -2.72
N LYS A 8 10.76 -0.83 -2.08
CA LYS A 8 11.33 -2.19 -2.21
C LYS A 8 10.24 -3.20 -2.61
N PRO A 9 10.33 -3.85 -3.80
CA PRO A 9 9.32 -4.80 -4.33
C PRO A 9 8.89 -5.94 -3.39
N GLY A 10 9.78 -6.43 -2.53
CA GLY A 10 9.56 -7.57 -1.62
C GLY A 10 8.70 -7.26 -0.39
N HIS A 11 7.69 -6.40 -0.52
CA HIS A 11 6.78 -6.00 0.55
C HIS A 11 5.39 -6.64 0.45
N LEU A 12 4.75 -6.75 1.62
CA LEU A 12 3.48 -7.41 1.93
C LEU A 12 2.88 -6.74 3.18
N SER A 13 1.64 -7.10 3.52
CA SER A 13 0.96 -6.73 4.78
C SER A 13 1.73 -7.09 6.06
N SER A 14 2.69 -8.01 5.97
CA SER A 14 3.59 -8.45 7.05
C SER A 14 4.98 -7.76 7.04
N GLN A 15 5.27 -6.94 6.03
CA GLN A 15 6.56 -6.25 5.84
C GLN A 15 6.44 -4.74 6.18
N CYS A 16 5.34 -4.11 5.78
CA CYS A 16 4.88 -2.78 6.21
C CYS A 16 3.34 -2.75 6.31
N ARG A 17 2.81 -1.63 6.82
CA ARG A 17 1.36 -1.33 6.93
C ARG A 17 0.60 -1.47 5.60
N ALA A 18 1.22 -1.13 4.47
CA ALA A 18 0.69 -1.38 3.12
C ALA A 18 1.77 -1.33 2.01
N PRO A 19 1.50 -1.90 0.82
CA PRO A 19 2.19 -1.54 -0.42
C PRO A 19 1.75 -0.15 -0.93
N LYS A 20 2.42 0.36 -1.98
CA LYS A 20 2.21 1.69 -2.60
C LYS A 20 0.79 1.98 -3.12
N VAL A 21 -0.07 0.96 -3.16
CA VAL A 21 -1.54 1.08 -3.31
C VAL A 21 -2.17 2.01 -2.27
N CYS A 22 -1.67 2.00 -1.02
CA CYS A 22 -2.28 2.64 0.15
C CYS A 22 -1.17 3.10 1.15
N PHE A 23 -1.54 3.22 2.42
CA PHE A 23 -0.64 3.41 3.57
C PHE A 23 -1.01 2.51 4.76
N LYS A 24 -2.25 1.98 4.83
CA LYS A 24 -2.72 1.08 5.91
C LYS A 24 -3.94 0.23 5.52
N CYS A 25 -5.01 0.84 5.01
CA CYS A 25 -6.31 0.21 4.75
C CYS A 25 -6.30 -0.83 3.60
N LYS A 26 -5.52 -0.57 2.53
CA LYS A 26 -5.19 -1.48 1.40
C LYS A 26 -6.33 -2.34 0.79
N GLN A 27 -7.60 -1.93 0.91
CA GLN A 27 -8.75 -2.62 0.32
C GLN A 27 -8.77 -2.53 -1.22
N PRO A 28 -9.36 -3.51 -1.95
CA PRO A 28 -9.23 -3.70 -3.41
C PRO A 28 -9.49 -2.51 -4.37
N GLY A 29 -10.20 -1.46 -3.95
CA GLY A 29 -10.49 -0.29 -4.80
C GLY A 29 -10.72 1.04 -4.08
N HIS A 30 -10.63 1.07 -2.73
CA HIS A 30 -10.88 2.26 -1.90
C HIS A 30 -9.89 3.41 -2.14
N PHE A 31 -8.67 3.10 -2.59
CA PHE A 31 -7.55 4.04 -2.67
C PHE A 31 -7.80 5.20 -3.64
N SER A 32 -8.40 4.91 -4.81
CA SER A 32 -8.77 5.90 -5.84
C SER A 32 -9.83 6.93 -5.40
N LYS A 33 -10.37 6.81 -4.18
CA LYS A 33 -11.37 7.72 -3.58
C LYS A 33 -11.07 8.11 -2.12
N GLN A 34 -9.89 7.79 -1.59
CA GLN A 34 -9.50 8.13 -0.21
C GLN A 34 -7.99 8.33 -0.02
N CYS A 35 -7.16 7.37 -0.45
CA CYS A 35 -5.75 7.25 -0.05
C CYS A 35 -4.75 7.62 -1.17
N ARG A 36 -5.20 7.63 -2.43
CA ARG A 36 -4.42 7.91 -3.64
C ARG A 36 -5.17 8.80 -4.66
N SER A 37 -6.39 9.24 -4.31
CA SER A 37 -7.24 10.19 -5.04
C SER A 37 -6.57 11.54 -5.33
N GLN A 1 5.17 -6.81 -3.98
CA GLN A 1 4.62 -5.50 -4.44
C GLN A 1 5.29 -4.38 -3.64
N THR A 2 5.84 -3.36 -4.31
CA THR A 2 6.63 -2.27 -3.70
C THR A 2 5.97 -1.61 -2.50
N CYS A 3 6.76 -1.29 -1.46
CA CYS A 3 6.34 -0.63 -0.24
C CYS A 3 5.70 0.77 -0.46
N TYR A 4 4.82 1.18 0.46
CA TYR A 4 4.37 2.58 0.59
C TYR A 4 5.47 3.56 1.04
N ASN A 5 6.60 3.05 1.57
CA ASN A 5 7.63 3.85 2.25
C ASN A 5 9.06 3.44 1.86
N CYS A 6 9.36 2.14 1.87
CA CYS A 6 10.73 1.60 1.78
C CYS A 6 11.29 1.53 0.35
N GLY A 7 10.46 1.75 -0.68
CA GLY A 7 10.84 1.73 -2.10
C GLY A 7 11.41 0.39 -2.59
N LYS A 8 10.99 -0.73 -1.99
CA LYS A 8 11.57 -2.08 -2.17
C LYS A 8 10.50 -3.07 -2.68
N PRO A 9 10.62 -3.65 -3.88
CA PRO A 9 9.63 -4.56 -4.50
C PRO A 9 9.14 -5.74 -3.65
N GLY A 10 9.99 -6.30 -2.77
CA GLY A 10 9.72 -7.47 -1.94
C GLY A 10 8.80 -7.24 -0.73
N HIS A 11 7.85 -6.30 -0.84
CA HIS A 11 6.89 -5.95 0.20
C HIS A 11 5.49 -6.56 -0.03
N LEU A 12 4.70 -6.51 1.04
CA LEU A 12 3.35 -7.05 1.18
C LEU A 12 2.61 -6.24 2.26
N SER A 13 1.30 -6.46 2.39
CA SER A 13 0.42 -5.95 3.46
C SER A 13 0.84 -6.35 4.90
N SER A 14 1.90 -7.14 5.06
CA SER A 14 2.49 -7.58 6.33
C SER A 14 4.01 -7.31 6.45
N GLN A 15 4.69 -6.97 5.35
CA GLN A 15 6.11 -6.53 5.37
C GLN A 15 6.24 -5.09 5.94
N CYS A 16 5.25 -4.26 5.62
CA CYS A 16 4.97 -2.94 6.21
C CYS A 16 3.45 -2.80 6.45
N ARG A 17 3.02 -1.64 6.98
CA ARG A 17 1.61 -1.30 7.21
C ARG A 17 0.75 -1.45 5.94
N ALA A 18 1.29 -1.15 4.76
CA ALA A 18 0.71 -1.44 3.45
C ALA A 18 1.77 -1.45 2.32
N PRO A 19 1.50 -2.06 1.16
CA PRO A 19 2.20 -1.76 -0.10
C PRO A 19 1.79 -0.38 -0.65
N LYS A 20 2.44 0.06 -1.74
CA LYS A 20 2.24 1.35 -2.43
C LYS A 20 0.80 1.67 -2.85
N VAL A 21 -0.08 0.65 -2.86
CA VAL A 21 -1.54 0.79 -3.01
C VAL A 21 -2.16 1.74 -1.97
N CYS A 22 -1.64 1.77 -0.74
CA CYS A 22 -2.22 2.46 0.41
C CYS A 22 -1.12 2.94 1.40
N PHE A 23 -1.49 3.07 2.67
CA PHE A 23 -0.61 3.31 3.83
C PHE A 23 -1.08 2.57 5.10
N LYS A 24 -2.35 2.12 5.15
CA LYS A 24 -2.99 1.51 6.33
C LYS A 24 -4.17 0.61 5.99
N CYS A 25 -5.23 1.19 5.40
CA CYS A 25 -6.54 0.57 5.21
C CYS A 25 -6.59 -0.52 4.11
N LYS A 26 -5.76 -0.39 3.05
CA LYS A 26 -5.39 -1.39 2.03
C LYS A 26 -6.50 -2.31 1.46
N GLN A 27 -7.76 -1.83 1.44
CA GLN A 27 -8.91 -2.56 0.86
C GLN A 27 -8.83 -2.64 -0.69
N PRO A 28 -9.44 -3.66 -1.34
CA PRO A 28 -9.25 -3.99 -2.77
C PRO A 28 -9.45 -2.90 -3.84
N GLY A 29 -10.18 -1.80 -3.54
CA GLY A 29 -10.44 -0.72 -4.51
C GLY A 29 -10.68 0.68 -3.93
N HIS A 30 -10.59 0.85 -2.60
CA HIS A 30 -10.84 2.12 -1.91
C HIS A 30 -9.84 3.24 -2.27
N PHE A 31 -8.62 2.87 -2.66
CA PHE A 31 -7.47 3.78 -2.75
C PHE A 31 -7.67 4.89 -3.79
N SER A 32 -8.25 4.57 -4.95
CA SER A 32 -8.55 5.51 -6.04
C SER A 32 -9.55 6.62 -5.69
N LYS A 33 -10.15 6.58 -4.49
CA LYS A 33 -11.12 7.57 -3.96
C LYS A 33 -10.83 8.01 -2.52
N GLN A 34 -9.65 7.70 -1.97
CA GLN A 34 -9.26 8.08 -0.60
C GLN A 34 -7.75 8.29 -0.39
N CYS A 35 -6.90 7.37 -0.87
CA CYS A 35 -5.49 7.27 -0.47
C CYS A 35 -4.51 7.60 -1.62
N ARG A 36 -4.91 7.36 -2.88
CA ARG A 36 -4.17 7.60 -4.12
C ARG A 36 -4.92 8.53 -5.10
N SER A 37 -6.13 8.97 -4.73
CA SER A 37 -6.98 9.93 -5.44
C SER A 37 -6.29 11.27 -5.74
N GLN A 1 5.07 -7.04 -3.65
CA GLN A 1 4.48 -5.77 -4.14
C GLN A 1 5.10 -4.58 -3.40
N THR A 2 5.62 -3.59 -4.13
CA THR A 2 6.44 -2.48 -3.59
C THR A 2 5.80 -1.74 -2.41
N CYS A 3 6.60 -1.43 -1.39
CA CYS A 3 6.21 -0.70 -0.18
C CYS A 3 5.62 0.70 -0.45
N TYR A 4 4.74 1.16 0.45
CA TYR A 4 4.31 2.57 0.53
C TYR A 4 5.43 3.55 0.95
N ASN A 5 6.54 3.04 1.50
CA ASN A 5 7.59 3.84 2.17
C ASN A 5 9.01 3.43 1.75
N CYS A 6 9.31 2.14 1.75
CA CYS A 6 10.66 1.60 1.65
C CYS A 6 11.21 1.52 0.20
N GLY A 7 10.36 1.75 -0.82
CA GLY A 7 10.74 1.68 -2.24
C GLY A 7 11.29 0.31 -2.69
N LYS A 8 10.80 -0.78 -2.08
CA LYS A 8 11.38 -2.13 -2.13
C LYS A 8 10.31 -3.16 -2.59
N PRO A 9 10.44 -3.76 -3.80
CA PRO A 9 9.46 -4.70 -4.37
C PRO A 9 9.03 -5.88 -3.49
N GLY A 10 9.92 -6.40 -2.64
CA GLY A 10 9.70 -7.57 -1.77
C GLY A 10 8.82 -7.32 -0.53
N HIS A 11 7.82 -6.45 -0.65
CA HIS A 11 6.89 -6.08 0.43
C HIS A 11 5.52 -6.76 0.31
N LEU A 12 4.85 -6.80 1.46
CA LEU A 12 3.59 -7.49 1.77
C LEU A 12 2.90 -6.75 2.92
N SER A 13 1.64 -7.09 3.21
CA SER A 13 0.88 -6.66 4.40
C SER A 13 1.55 -7.00 5.75
N SER A 14 2.53 -7.90 5.74
CA SER A 14 3.35 -8.32 6.90
C SER A 14 4.77 -7.72 6.92
N GLN A 15 5.18 -7.03 5.84
CA GLN A 15 6.51 -6.39 5.72
C GLN A 15 6.47 -4.92 6.17
N CYS A 16 5.40 -4.20 5.78
CA CYS A 16 5.00 -2.87 6.26
C CYS A 16 3.46 -2.76 6.36
N ARG A 17 2.96 -1.62 6.89
CA ARG A 17 1.53 -1.32 7.05
C ARG A 17 0.72 -1.49 5.75
N ALA A 18 1.30 -1.14 4.59
CA ALA A 18 0.70 -1.36 3.28
C ALA A 18 1.74 -1.34 2.13
N PRO A 19 1.42 -1.92 0.96
CA PRO A 19 2.12 -1.59 -0.30
C PRO A 19 1.72 -0.20 -0.82
N LYS A 20 2.39 0.25 -1.89
CA LYS A 20 2.23 1.57 -2.57
C LYS A 20 0.81 1.91 -3.04
N VAL A 21 -0.10 0.92 -3.06
CA VAL A 21 -1.56 1.09 -3.22
C VAL A 21 -2.17 2.04 -2.18
N CYS A 22 -1.66 2.03 -0.94
CA CYS A 22 -2.25 2.69 0.23
C CYS A 22 -1.15 3.14 1.23
N PHE A 23 -1.50 3.23 2.51
CA PHE A 23 -0.62 3.43 3.65
C PHE A 23 -1.03 2.59 4.88
N LYS A 24 -2.28 2.09 4.94
CA LYS A 24 -2.81 1.30 6.08
C LYS A 24 -3.98 0.38 5.70
N CYS A 25 -5.08 0.93 5.18
CA CYS A 25 -6.35 0.22 4.98
C CYS A 25 -6.40 -0.71 3.76
N LYS A 26 -5.64 -0.42 2.69
CA LYS A 26 -5.29 -1.30 1.54
C LYS A 26 -6.40 -2.18 0.93
N GLN A 27 -7.67 -1.79 1.03
CA GLN A 27 -8.82 -2.52 0.45
C GLN A 27 -8.82 -2.49 -1.09
N PRO A 28 -9.41 -3.50 -1.79
CA PRO A 28 -9.28 -3.74 -3.24
C PRO A 28 -9.56 -2.60 -4.24
N GLY A 29 -10.28 -1.54 -3.85
CA GLY A 29 -10.61 -0.40 -4.74
C GLY A 29 -10.84 0.95 -4.06
N HIS A 30 -10.70 1.04 -2.74
CA HIS A 30 -10.94 2.26 -1.95
C HIS A 30 -9.96 3.41 -2.29
N PHE A 31 -8.74 3.08 -2.71
CA PHE A 31 -7.59 4.00 -2.78
C PHE A 31 -7.82 5.14 -3.78
N SER A 32 -8.41 4.86 -4.94
CA SER A 32 -8.81 5.85 -5.96
C SER A 32 -9.86 6.87 -5.50
N LYS A 33 -10.40 6.72 -4.28
CA LYS A 33 -11.48 7.51 -3.68
C LYS A 33 -11.14 8.03 -2.27
N GLN A 34 -9.92 7.78 -1.76
CA GLN A 34 -9.46 8.24 -0.45
C GLN A 34 -7.94 8.44 -0.37
N CYS A 35 -7.15 7.35 -0.51
CA CYS A 35 -5.73 7.31 -0.15
C CYS A 35 -4.77 7.66 -1.32
N ARG A 36 -5.25 7.64 -2.57
CA ARG A 36 -4.47 7.77 -3.80
C ARG A 36 -5.21 8.53 -4.92
N SER A 37 -6.30 9.24 -4.57
CA SER A 37 -7.19 10.02 -5.44
C SER A 37 -6.45 10.94 -6.44
N GLN A 1 4.95 -6.96 -3.53
CA GLN A 1 4.45 -5.69 -4.13
C GLN A 1 5.12 -4.50 -3.44
N THR A 2 5.62 -3.52 -4.20
CA THR A 2 6.43 -2.38 -3.69
C THR A 2 5.78 -1.64 -2.51
N CYS A 3 6.59 -1.34 -1.49
CA CYS A 3 6.19 -0.63 -0.27
C CYS A 3 5.56 0.77 -0.51
N TYR A 4 4.69 1.19 0.40
CA TYR A 4 4.22 2.58 0.50
C TYR A 4 5.31 3.59 0.93
N ASN A 5 6.44 3.11 1.46
CA ASN A 5 7.47 3.92 2.12
C ASN A 5 8.91 3.54 1.70
N CYS A 6 9.22 2.24 1.69
CA CYS A 6 10.59 1.73 1.58
C CYS A 6 11.12 1.63 0.13
N GLY A 7 10.25 1.81 -0.87
CA GLY A 7 10.61 1.75 -2.31
C GLY A 7 11.18 0.41 -2.77
N LYS A 8 10.77 -0.71 -2.14
CA LYS A 8 11.36 -2.05 -2.28
C LYS A 8 10.28 -3.08 -2.69
N PRO A 9 10.38 -3.74 -3.87
CA PRO A 9 9.38 -4.69 -4.39
C PRO A 9 8.95 -5.83 -3.45
N GLY A 10 9.85 -6.32 -2.60
CA GLY A 10 9.65 -7.47 -1.70
C GLY A 10 8.80 -7.19 -0.46
N HIS A 11 7.77 -6.36 -0.58
CA HIS A 11 6.88 -5.97 0.51
C HIS A 11 5.49 -6.63 0.45
N LEU A 12 4.89 -6.77 1.63
CA LEU A 12 3.63 -7.43 1.97
C LEU A 12 3.09 -6.78 3.27
N SER A 13 1.88 -7.16 3.69
CA SER A 13 1.35 -6.90 5.05
C SER A 13 2.26 -7.39 6.18
N SER A 14 3.11 -8.39 5.91
CA SER A 14 4.12 -8.94 6.84
C SER A 14 5.45 -8.18 6.81
N GLN A 15 5.56 -7.08 6.05
CA GLN A 15 6.78 -6.31 5.83
C GLN A 15 6.61 -4.82 6.21
N CYS A 16 5.48 -4.21 5.80
CA CYS A 16 4.99 -2.89 6.23
C CYS A 16 3.45 -2.87 6.36
N ARG A 17 2.89 -1.75 6.85
CA ARG A 17 1.44 -1.54 7.00
C ARG A 17 0.66 -1.76 5.70
N ALA A 18 1.20 -1.33 4.55
CA ALA A 18 0.61 -1.53 3.22
C ALA A 18 1.66 -1.43 2.09
N PRO A 19 1.38 -1.99 0.90
CA PRO A 19 2.09 -1.64 -0.34
C PRO A 19 1.67 -0.24 -0.85
N LYS A 20 2.34 0.24 -1.91
CA LYS A 20 2.14 1.55 -2.57
C LYS A 20 0.70 1.85 -3.04
N VAL A 21 -0.16 0.84 -3.09
CA VAL A 21 -1.62 0.96 -3.25
C VAL A 21 -2.25 1.89 -2.21
N CYS A 22 -1.74 1.90 -0.97
CA CYS A 22 -2.34 2.56 0.19
C CYS A 22 -1.25 3.02 1.20
N PHE A 23 -1.62 3.11 2.47
CA PHE A 23 -0.74 3.31 3.63
C PHE A 23 -1.16 2.47 4.85
N LYS A 24 -2.42 2.01 4.92
CA LYS A 24 -2.96 1.23 6.05
C LYS A 24 -4.18 0.36 5.68
N CYS A 25 -5.25 0.97 5.16
CA CYS A 25 -6.57 0.35 4.96
C CYS A 25 -6.65 -0.63 3.77
N LYS A 26 -5.87 -0.41 2.70
CA LYS A 26 -5.54 -1.33 1.58
C LYS A 26 -6.67 -2.19 0.98
N GLN A 27 -7.93 -1.75 1.05
CA GLN A 27 -9.09 -2.44 0.47
C GLN A 27 -9.07 -2.45 -1.08
N PRO A 28 -9.69 -3.43 -1.76
CA PRO A 28 -9.54 -3.73 -3.20
C PRO A 28 -9.72 -2.59 -4.23
N GLY A 29 -10.41 -1.49 -3.90
CA GLY A 29 -10.65 -0.36 -4.83
C GLY A 29 -10.86 1.01 -4.18
N HIS A 30 -10.78 1.11 -2.85
CA HIS A 30 -11.01 2.36 -2.09
C HIS A 30 -10.00 3.48 -2.41
N PHE A 31 -8.77 3.11 -2.77
CA PHE A 31 -7.59 3.98 -2.77
C PHE A 31 -7.72 5.17 -3.73
N SER A 32 -8.27 4.96 -4.93
CA SER A 32 -8.51 6.00 -5.94
C SER A 32 -9.50 7.10 -5.50
N LYS A 33 -10.17 6.93 -4.35
CA LYS A 33 -11.20 7.81 -3.78
C LYS A 33 -10.90 8.23 -2.33
N GLN A 34 -9.72 7.90 -1.79
CA GLN A 34 -9.34 8.25 -0.40
C GLN A 34 -7.82 8.46 -0.21
N CYS A 35 -6.97 7.56 -0.71
CA CYS A 35 -5.56 7.46 -0.36
C CYS A 35 -4.59 7.84 -1.49
N ARG A 36 -5.04 7.72 -2.75
CA ARG A 36 -4.31 7.98 -4.01
C ARG A 36 -5.04 8.99 -4.92
N SER A 37 -6.07 9.67 -4.39
CA SER A 37 -6.96 10.64 -5.07
C SER A 37 -6.22 11.68 -5.91
N GLN A 1 4.90 -7.09 -3.36
CA GLN A 1 4.41 -5.84 -3.99
C GLN A 1 5.09 -4.63 -3.34
N THR A 2 5.54 -3.66 -4.14
CA THR A 2 6.36 -2.51 -3.68
C THR A 2 5.77 -1.76 -2.49
N CYS A 3 6.60 -1.46 -1.49
CA CYS A 3 6.24 -0.74 -0.25
C CYS A 3 5.61 0.64 -0.49
N TYR A 4 4.72 1.06 0.42
CA TYR A 4 4.24 2.44 0.50
C TYR A 4 5.33 3.49 0.81
N ASN A 5 6.46 3.06 1.37
CA ASN A 5 7.50 3.94 1.92
C ASN A 5 8.92 3.57 1.45
N CYS A 6 9.29 2.28 1.52
CA CYS A 6 10.66 1.80 1.37
C CYS A 6 11.12 1.67 -0.09
N GLY A 7 10.18 1.59 -1.05
CA GLY A 7 10.45 1.38 -2.49
C GLY A 7 10.98 -0.01 -2.87
N LYS A 8 11.03 -0.98 -1.94
CA LYS A 8 11.46 -2.37 -2.18
C LYS A 8 10.26 -3.22 -2.69
N PRO A 9 10.37 -3.90 -3.85
CA PRO A 9 9.34 -4.81 -4.38
C PRO A 9 8.88 -5.94 -3.43
N GLY A 10 9.79 -6.43 -2.57
CA GLY A 10 9.58 -7.58 -1.66
C GLY A 10 8.76 -7.27 -0.39
N HIS A 11 7.75 -6.40 -0.50
CA HIS A 11 6.90 -5.99 0.61
C HIS A 11 5.51 -6.63 0.58
N LEU A 12 4.90 -6.68 1.77
CA LEU A 12 3.64 -7.30 2.15
C LEU A 12 3.08 -6.57 3.39
N SER A 13 1.85 -6.88 3.79
CA SER A 13 1.25 -6.45 5.07
C SER A 13 2.04 -6.87 6.32
N SER A 14 2.96 -7.84 6.19
CA SER A 14 3.89 -8.33 7.22
C SER A 14 5.29 -7.69 7.15
N GLN A 15 5.56 -6.84 6.14
CA GLN A 15 6.84 -6.16 5.92
C GLN A 15 6.74 -4.66 6.28
N CYS A 16 5.63 -4.01 5.89
CA CYS A 16 5.17 -2.68 6.31
C CYS A 16 3.64 -2.65 6.44
N ARG A 17 3.09 -1.54 6.92
CA ARG A 17 1.63 -1.31 7.08
C ARG A 17 0.82 -1.49 5.79
N ALA A 18 1.39 -1.18 4.63
CA ALA A 18 0.81 -1.50 3.31
C ALA A 18 1.84 -1.47 2.16
N PRO A 19 1.53 -2.10 1.01
CA PRO A 19 2.14 -1.78 -0.28
C PRO A 19 1.66 -0.41 -0.81
N LYS A 20 2.30 0.11 -1.86
CA LYS A 20 2.09 1.45 -2.44
C LYS A 20 0.66 1.77 -2.89
N VAL A 21 -0.20 0.77 -3.04
CA VAL A 21 -1.65 0.90 -3.23
C VAL A 21 -2.31 1.80 -2.18
N CYS A 22 -1.80 1.79 -0.94
CA CYS A 22 -2.37 2.44 0.24
C CYS A 22 -1.26 2.88 1.22
N PHE A 23 -1.63 3.07 2.48
CA PHE A 23 -0.76 3.20 3.66
C PHE A 23 -1.20 2.28 4.81
N LYS A 24 -2.44 1.77 4.82
CA LYS A 24 -3.00 0.89 5.87
C LYS A 24 -4.17 0.03 5.39
N CYS A 25 -5.27 0.64 4.96
CA CYS A 25 -6.55 -0.01 4.68
C CYS A 25 -6.55 -0.99 3.48
N LYS A 26 -5.73 -0.73 2.44
CA LYS A 26 -5.40 -1.59 1.28
C LYS A 26 -6.54 -2.34 0.56
N GLN A 27 -7.80 -1.92 0.69
CA GLN A 27 -8.96 -2.54 0.03
C GLN A 27 -8.90 -2.41 -1.52
N PRO A 28 -9.50 -3.35 -2.30
CA PRO A 28 -9.29 -3.50 -3.75
C PRO A 28 -9.46 -2.27 -4.67
N GLY A 29 -10.23 -1.25 -4.27
CA GLY A 29 -10.47 -0.04 -5.08
C GLY A 29 -10.73 1.25 -4.30
N HIS A 30 -10.64 1.23 -2.97
CA HIS A 30 -10.91 2.38 -2.10
C HIS A 30 -9.94 3.56 -2.29
N PHE A 31 -8.71 3.28 -2.74
CA PHE A 31 -7.61 4.25 -2.78
C PHE A 31 -7.93 5.45 -3.68
N SER A 32 -8.52 5.22 -4.86
CA SER A 32 -8.95 6.27 -5.80
C SER A 32 -9.99 7.26 -5.25
N LYS A 33 -10.52 7.04 -4.05
CA LYS A 33 -11.48 7.91 -3.34
C LYS A 33 -11.13 8.16 -1.86
N GLN A 34 -9.91 7.82 -1.41
CA GLN A 34 -9.45 8.08 -0.05
C GLN A 34 -7.92 8.29 0.08
N CYS A 35 -7.12 7.37 -0.45
CA CYS A 35 -5.66 7.27 -0.23
C CYS A 35 -4.81 7.70 -1.45
N ARG A 36 -5.47 8.02 -2.57
CA ARG A 36 -4.87 8.40 -3.87
C ARG A 36 -5.80 9.31 -4.70
N SER A 37 -6.77 9.97 -4.05
CA SER A 37 -7.78 10.88 -4.63
C SER A 37 -7.19 11.95 -5.57
N GLN A 1 4.88 -6.93 -3.62
CA GLN A 1 4.33 -5.64 -4.10
C GLN A 1 5.03 -4.49 -3.40
N THR A 2 5.59 -3.54 -4.15
CA THR A 2 6.43 -2.43 -3.65
C THR A 2 5.81 -1.67 -2.47
N CYS A 3 6.62 -1.38 -1.45
CA CYS A 3 6.23 -0.65 -0.24
C CYS A 3 5.63 0.74 -0.50
N TYR A 4 4.75 1.21 0.40
CA TYR A 4 4.32 2.60 0.48
C TYR A 4 5.43 3.59 0.91
N ASN A 5 6.55 3.09 1.44
CA ASN A 5 7.60 3.88 2.10
C ASN A 5 9.02 3.47 1.68
N CYS A 6 9.31 2.16 1.69
CA CYS A 6 10.66 1.62 1.60
C CYS A 6 11.21 1.51 0.15
N GLY A 7 10.37 1.74 -0.87
CA GLY A 7 10.75 1.64 -2.30
C GLY A 7 11.29 0.27 -2.74
N LYS A 8 10.78 -0.81 -2.13
CA LYS A 8 11.33 -2.17 -2.20
C LYS A 8 10.25 -3.18 -2.64
N PRO A 9 10.33 -3.78 -3.84
CA PRO A 9 9.33 -4.71 -4.40
C PRO A 9 8.89 -5.89 -3.51
N GLY A 10 9.78 -6.41 -2.67
CA GLY A 10 9.56 -7.57 -1.79
C GLY A 10 8.71 -7.28 -0.54
N HIS A 11 7.73 -6.38 -0.64
CA HIS A 11 6.82 -6.00 0.45
C HIS A 11 5.43 -6.65 0.34
N LEU A 12 4.78 -6.69 1.50
CA LEU A 12 3.48 -7.30 1.80
C LEU A 12 2.87 -6.57 3.02
N SER A 13 1.61 -6.86 3.34
CA SER A 13 0.97 -6.47 4.60
C SER A 13 1.67 -6.96 5.88
N SER A 14 2.55 -7.97 5.75
CA SER A 14 3.43 -8.49 6.82
C SER A 14 4.83 -7.84 6.85
N GLN A 15 5.17 -6.99 5.87
CA GLN A 15 6.47 -6.33 5.73
C GLN A 15 6.41 -4.84 6.16
N CYS A 16 5.35 -4.14 5.76
CA CYS A 16 4.94 -2.81 6.23
C CYS A 16 3.41 -2.71 6.34
N ARG A 17 2.91 -1.57 6.86
CA ARG A 17 1.47 -1.28 7.03
C ARG A 17 0.65 -1.46 5.74
N ALA A 18 1.23 -1.12 4.58
CA ALA A 18 0.66 -1.38 3.25
C ALA A 18 1.73 -1.35 2.14
N PRO A 19 1.45 -1.96 0.97
CA PRO A 19 2.15 -1.64 -0.28
C PRO A 19 1.72 -0.26 -0.82
N LYS A 20 2.38 0.22 -1.88
CA LYS A 20 2.19 1.52 -2.56
C LYS A 20 0.75 1.84 -3.01
N VAL A 21 -0.13 0.83 -3.01
CA VAL A 21 -1.60 0.96 -3.16
C VAL A 21 -2.21 1.92 -2.11
N CYS A 22 -1.70 1.92 -0.88
CA CYS A 22 -2.28 2.60 0.29
C CYS A 22 -1.17 3.05 1.28
N PHE A 23 -1.55 3.25 2.54
CA PHE A 23 -0.66 3.42 3.70
C PHE A 23 -1.13 2.66 4.95
N LYS A 24 -2.36 2.10 4.92
CA LYS A 24 -3.05 1.49 6.07
C LYS A 24 -4.15 0.51 5.65
N CYS A 25 -5.17 1.03 4.97
CA CYS A 25 -6.46 0.37 4.74
C CYS A 25 -6.41 -0.75 3.67
N LYS A 26 -5.60 -0.56 2.61
CA LYS A 26 -5.22 -1.52 1.55
C LYS A 26 -6.35 -2.40 0.94
N GLN A 27 -7.61 -1.95 1.01
CA GLN A 27 -8.77 -2.65 0.42
C GLN A 27 -8.74 -2.60 -1.13
N PRO A 28 -9.30 -3.60 -1.86
CA PRO A 28 -9.13 -3.82 -3.31
C PRO A 28 -9.40 -2.67 -4.29
N GLY A 29 -10.14 -1.62 -3.91
CA GLY A 29 -10.46 -0.48 -4.79
C GLY A 29 -10.77 0.85 -4.09
N HIS A 30 -10.60 0.95 -2.77
CA HIS A 30 -10.89 2.16 -1.99
C HIS A 30 -9.96 3.35 -2.30
N PHE A 31 -8.71 3.04 -2.67
CA PHE A 31 -7.58 3.98 -2.68
C PHE A 31 -7.77 5.16 -3.64
N SER A 32 -8.31 4.93 -4.84
CA SER A 32 -8.59 5.96 -5.85
C SER A 32 -9.65 7.00 -5.43
N LYS A 33 -10.28 6.82 -4.26
CA LYS A 33 -11.31 7.71 -3.69
C LYS A 33 -11.02 8.13 -2.23
N GLN A 34 -9.83 7.81 -1.70
CA GLN A 34 -9.43 8.21 -0.33
C GLN A 34 -7.91 8.41 -0.17
N CYS A 35 -7.11 7.36 -0.45
CA CYS A 35 -5.70 7.27 -0.05
C CYS A 35 -4.70 7.59 -1.18
N ARG A 36 -5.16 7.60 -2.44
CA ARG A 36 -4.35 7.76 -3.66
C ARG A 36 -5.07 8.58 -4.76
N SER A 37 -6.13 9.30 -4.38
CA SER A 37 -6.99 10.16 -5.23
C SER A 37 -6.22 11.08 -6.18
N GLN A 1 4.96 -6.92 -3.82
CA GLN A 1 4.43 -5.62 -4.31
C GLN A 1 5.02 -4.46 -3.50
N THR A 2 5.59 -3.46 -4.18
CA THR A 2 6.43 -2.38 -3.61
C THR A 2 5.80 -1.65 -2.41
N CYS A 3 6.61 -1.39 -1.38
CA CYS A 3 6.25 -0.68 -0.16
C CYS A 3 5.70 0.74 -0.39
N TYR A 4 4.83 1.21 0.52
CA TYR A 4 4.45 2.63 0.64
C TYR A 4 5.59 3.56 1.11
N ASN A 5 6.69 3.00 1.63
CA ASN A 5 7.75 3.74 2.32
C ASN A 5 9.17 3.32 1.87
N CYS A 6 9.43 2.01 1.84
CA CYS A 6 10.78 1.43 1.72
C CYS A 6 11.33 1.38 0.27
N GLY A 7 10.49 1.65 -0.74
CA GLY A 7 10.86 1.61 -2.16
C GLY A 7 11.39 0.24 -2.64
N LYS A 8 10.85 -0.85 -2.06
CA LYS A 8 11.39 -2.22 -2.14
C LYS A 8 10.29 -3.19 -2.63
N PRO A 9 10.39 -3.78 -3.83
CA PRO A 9 9.38 -4.68 -4.43
C PRO A 9 8.92 -5.86 -3.56
N GLY A 10 9.80 -6.41 -2.70
CA GLY A 10 9.56 -7.58 -1.84
C GLY A 10 8.68 -7.32 -0.61
N HIS A 11 7.64 -6.49 -0.76
CA HIS A 11 6.72 -6.10 0.32
C HIS A 11 5.32 -6.70 0.18
N LEU A 12 4.64 -6.76 1.32
CA LEU A 12 3.33 -7.34 1.60
C LEU A 12 2.73 -6.65 2.85
N SER A 13 1.47 -6.94 3.16
CA SER A 13 0.80 -6.57 4.43
C SER A 13 1.52 -7.03 5.71
N SER A 14 2.43 -8.01 5.59
CA SER A 14 3.28 -8.54 6.67
C SER A 14 4.69 -7.95 6.72
N GLN A 15 5.06 -7.11 5.74
CA GLN A 15 6.40 -6.51 5.62
C GLN A 15 6.40 -5.03 6.08
N CYS A 16 5.34 -4.28 5.73
CA CYS A 16 5.00 -2.95 6.25
C CYS A 16 3.47 -2.78 6.38
N ARG A 17 3.02 -1.65 6.95
CA ARG A 17 1.61 -1.29 7.13
C ARG A 17 0.78 -1.39 5.84
N ALA A 18 1.36 -1.05 4.68
CA ALA A 18 0.75 -1.25 3.37
C ALA A 18 1.79 -1.27 2.22
N PRO A 19 1.45 -1.84 1.05
CA PRO A 19 2.12 -1.53 -0.22
C PRO A 19 1.74 -0.12 -0.73
N LYS A 20 2.43 0.35 -1.77
CA LYS A 20 2.31 1.70 -2.38
C LYS A 20 0.89 2.09 -2.80
N VAL A 21 0.00 1.12 -2.99
CA VAL A 21 -1.46 1.29 -3.20
C VAL A 21 -2.12 2.18 -2.14
N CYS A 22 -1.61 2.16 -0.89
CA CYS A 22 -2.18 2.79 0.29
C CYS A 22 -1.08 3.21 1.28
N PHE A 23 -1.44 3.35 2.56
CA PHE A 23 -0.57 3.54 3.72
C PHE A 23 -1.00 2.69 4.94
N LYS A 24 -2.26 2.22 4.99
CA LYS A 24 -2.79 1.43 6.12
C LYS A 24 -3.99 0.53 5.75
N CYS A 25 -5.06 1.11 5.21
CA CYS A 25 -6.35 0.42 4.98
C CYS A 25 -6.36 -0.57 3.80
N LYS A 26 -5.57 -0.31 2.73
CA LYS A 26 -5.17 -1.22 1.62
C LYS A 26 -6.24 -2.14 1.00
N GLN A 27 -7.53 -1.79 1.08
CA GLN A 27 -8.62 -2.57 0.47
C GLN A 27 -8.58 -2.54 -1.08
N PRO A 28 -9.11 -3.56 -1.79
CA PRO A 28 -8.93 -3.79 -3.23
C PRO A 28 -9.25 -2.65 -4.22
N GLY A 29 -10.04 -1.64 -3.85
CA GLY A 29 -10.42 -0.52 -4.73
C GLY A 29 -10.73 0.82 -4.03
N HIS A 30 -10.60 0.89 -2.71
CA HIS A 30 -10.89 2.10 -1.92
C HIS A 30 -10.00 3.31 -2.26
N PHE A 31 -8.76 3.06 -2.68
CA PHE A 31 -7.72 4.06 -2.82
C PHE A 31 -8.08 5.15 -3.85
N SER A 32 -8.69 4.77 -4.97
CA SER A 32 -9.18 5.69 -6.02
C SER A 32 -10.23 6.72 -5.56
N LYS A 33 -10.72 6.62 -4.31
CA LYS A 33 -11.67 7.55 -3.67
C LYS A 33 -11.31 7.93 -2.22
N GLN A 34 -10.07 7.65 -1.78
CA GLN A 34 -9.59 8.05 -0.45
C GLN A 34 -8.06 8.33 -0.39
N CYS A 35 -7.24 7.37 -0.83
CA CYS A 35 -5.78 7.36 -0.63
C CYS A 35 -4.97 7.69 -1.90
N ARG A 36 -5.66 7.86 -3.04
CA ARG A 36 -5.13 8.12 -4.39
C ARG A 36 -6.10 8.89 -5.30
N SER A 37 -7.08 9.59 -4.71
CA SER A 37 -8.13 10.39 -5.35
C SER A 37 -7.61 11.35 -6.44
N GLN A 1 4.93 -6.89 -3.68
CA GLN A 1 4.37 -5.58 -4.13
C GLN A 1 5.11 -4.45 -3.44
N THR A 2 5.65 -3.49 -4.19
CA THR A 2 6.49 -2.38 -3.68
C THR A 2 5.85 -1.64 -2.49
N CYS A 3 6.66 -1.34 -1.47
CA CYS A 3 6.26 -0.63 -0.25
C CYS A 3 5.66 0.77 -0.51
N TYR A 4 4.76 1.21 0.38
CA TYR A 4 4.32 2.61 0.49
C TYR A 4 5.43 3.59 0.93
N ASN A 5 6.54 3.09 1.47
CA ASN A 5 7.58 3.88 2.15
C ASN A 5 9.02 3.47 1.74
N CYS A 6 9.31 2.17 1.74
CA CYS A 6 10.68 1.63 1.67
C CYS A 6 11.24 1.54 0.23
N GLY A 7 10.41 1.76 -0.81
CA GLY A 7 10.80 1.68 -2.22
C GLY A 7 11.34 0.31 -2.66
N LYS A 8 10.83 -0.78 -2.06
CA LYS A 8 11.37 -2.14 -2.13
C LYS A 8 10.31 -3.14 -2.60
N PRO A 9 10.41 -3.74 -3.81
CA PRO A 9 9.43 -4.67 -4.39
C PRO A 9 8.96 -5.84 -3.51
N GLY A 10 9.84 -6.37 -2.65
CA GLY A 10 9.59 -7.54 -1.79
C GLY A 10 8.72 -7.26 -0.55
N HIS A 11 7.75 -6.35 -0.65
CA HIS A 11 6.84 -5.98 0.42
C HIS A 11 5.46 -6.63 0.30
N LEU A 12 4.78 -6.71 1.44
CA LEU A 12 3.50 -7.37 1.72
C LEU A 12 2.84 -6.68 2.93
N SER A 13 1.59 -7.03 3.22
CA SER A 13 0.83 -6.63 4.43
C SER A 13 1.50 -6.97 5.77
N SER A 14 2.54 -7.81 5.76
CA SER A 14 3.35 -8.22 6.92
C SER A 14 4.78 -7.63 6.91
N GLN A 15 5.20 -6.98 5.82
CA GLN A 15 6.51 -6.33 5.67
C GLN A 15 6.45 -4.85 6.09
N CYS A 16 5.35 -4.16 5.74
CA CYS A 16 4.94 -2.84 6.23
C CYS A 16 3.40 -2.77 6.38
N ARG A 17 2.89 -1.63 6.90
CA ARG A 17 1.46 -1.36 7.05
C ARG A 17 0.66 -1.52 5.75
N ALA A 18 1.25 -1.17 4.60
CA ALA A 18 0.67 -1.41 3.26
C ALA A 18 1.74 -1.37 2.13
N PRO A 19 1.46 -1.96 0.96
CA PRO A 19 2.16 -1.64 -0.28
C PRO A 19 1.73 -0.26 -0.83
N LYS A 20 2.40 0.20 -1.90
CA LYS A 20 2.22 1.49 -2.60
C LYS A 20 0.79 1.81 -3.06
N VAL A 21 -0.10 0.84 -3.05
CA VAL A 21 -1.57 0.97 -3.22
C VAL A 21 -2.18 1.93 -2.17
N CYS A 22 -1.67 1.94 -0.94
CA CYS A 22 -2.27 2.59 0.22
C CYS A 22 -1.18 3.05 1.23
N PHE A 23 -1.55 3.17 2.50
CA PHE A 23 -0.66 3.38 3.65
C PHE A 23 -1.04 2.51 4.86
N LYS A 24 -2.29 2.02 4.96
CA LYS A 24 -2.77 1.18 6.07
C LYS A 24 -3.99 0.30 5.71
N CYS A 25 -5.08 0.88 5.22
CA CYS A 25 -6.36 0.22 5.01
C CYS A 25 -6.41 -0.75 3.80
N LYS A 26 -5.65 -0.48 2.73
CA LYS A 26 -5.31 -1.38 1.59
C LYS A 26 -6.44 -2.25 0.98
N GLN A 27 -7.70 -1.83 1.08
CA GLN A 27 -8.86 -2.55 0.51
C GLN A 27 -8.85 -2.53 -1.04
N PRO A 28 -9.43 -3.54 -1.74
CA PRO A 28 -9.27 -3.80 -3.17
C PRO A 28 -9.52 -2.67 -4.19
N GLY A 29 -10.26 -1.61 -3.83
CA GLY A 29 -10.56 -0.49 -4.74
C GLY A 29 -10.87 0.86 -4.07
N HIS A 30 -10.67 0.99 -2.75
CA HIS A 30 -10.96 2.21 -1.99
C HIS A 30 -10.00 3.38 -2.33
N PHE A 31 -8.75 3.06 -2.69
CA PHE A 31 -7.62 4.00 -2.73
C PHE A 31 -7.82 5.15 -3.72
N SER A 32 -8.37 4.89 -4.89
CA SER A 32 -8.68 5.89 -5.93
C SER A 32 -9.71 6.95 -5.51
N LYS A 33 -10.33 6.80 -4.33
CA LYS A 33 -11.34 7.71 -3.75
C LYS A 33 -11.00 8.15 -2.31
N GLN A 34 -9.82 7.83 -1.79
CA GLN A 34 -9.37 8.25 -0.45
C GLN A 34 -7.84 8.42 -0.35
N CYS A 35 -7.08 7.33 -0.49
CA CYS A 35 -5.66 7.27 -0.13
C CYS A 35 -4.69 7.62 -1.29
N ARG A 36 -5.18 7.61 -2.54
CA ARG A 36 -4.39 7.76 -3.78
C ARG A 36 -5.11 8.57 -4.87
N SER A 37 -6.17 9.30 -4.49
CA SER A 37 -7.03 10.15 -5.35
C SER A 37 -6.25 11.07 -6.31
N GLN A 1 5.01 -6.95 -3.59
CA GLN A 1 4.37 -5.69 -4.04
C GLN A 1 5.08 -4.51 -3.38
N THR A 2 5.61 -3.56 -4.15
CA THR A 2 6.45 -2.44 -3.68
C THR A 2 5.83 -1.66 -2.51
N CYS A 3 6.63 -1.36 -1.50
CA CYS A 3 6.25 -0.65 -0.27
C CYS A 3 5.62 0.74 -0.51
N TYR A 4 4.74 1.16 0.40
CA TYR A 4 4.28 2.56 0.51
C TYR A 4 5.36 3.57 0.93
N ASN A 5 6.50 3.08 1.47
CA ASN A 5 7.53 3.90 2.14
C ASN A 5 8.96 3.52 1.73
N CYS A 6 9.28 2.22 1.74
CA CYS A 6 10.64 1.70 1.63
C CYS A 6 11.17 1.61 0.17
N GLY A 7 10.31 1.81 -0.83
CA GLY A 7 10.66 1.76 -2.26
C GLY A 7 11.22 0.40 -2.72
N LYS A 8 10.79 -0.70 -2.10
CA LYS A 8 11.37 -2.05 -2.21
C LYS A 8 10.30 -3.07 -2.64
N PRO A 9 10.41 -3.72 -3.83
CA PRO A 9 9.44 -4.68 -4.37
C PRO A 9 9.00 -5.83 -3.45
N GLY A 10 9.90 -6.33 -2.60
CA GLY A 10 9.70 -7.48 -1.71
C GLY A 10 8.85 -7.21 -0.47
N HIS A 11 7.81 -6.38 -0.59
CA HIS A 11 6.91 -6.00 0.49
C HIS A 11 5.52 -6.66 0.37
N LEU A 12 4.87 -6.75 1.53
CA LEU A 12 3.58 -7.37 1.83
C LEU A 12 3.00 -6.69 3.09
N SER A 13 1.76 -7.03 3.46
CA SER A 13 1.15 -6.69 4.76
C SER A 13 1.93 -7.20 5.98
N SER A 14 2.80 -8.21 5.79
CA SER A 14 3.74 -8.74 6.79
C SER A 14 5.10 -8.02 6.83
N GLN A 15 5.34 -7.05 5.93
CA GLN A 15 6.60 -6.33 5.78
C GLN A 15 6.46 -4.83 6.14
N CYS A 16 5.34 -4.21 5.75
CA CYS A 16 4.88 -2.87 6.17
C CYS A 16 3.34 -2.84 6.30
N ARG A 17 2.81 -1.73 6.83
CA ARG A 17 1.37 -1.47 6.99
C ARG A 17 0.58 -1.60 5.67
N ALA A 18 1.17 -1.24 4.53
CA ALA A 18 0.61 -1.46 3.19
C ALA A 18 1.70 -1.40 2.08
N PRO A 19 1.43 -1.98 0.89
CA PRO A 19 2.15 -1.63 -0.33
C PRO A 19 1.73 -0.24 -0.87
N LYS A 20 2.39 0.22 -1.93
CA LYS A 20 2.19 1.53 -2.62
C LYS A 20 0.74 1.83 -3.06
N VAL A 21 -0.13 0.84 -3.08
CA VAL A 21 -1.60 0.98 -3.23
C VAL A 21 -2.22 1.92 -2.17
N CYS A 22 -1.69 1.91 -0.93
CA CYS A 22 -2.27 2.58 0.24
C CYS A 22 -1.17 3.03 1.23
N PHE A 23 -1.53 3.14 2.51
CA PHE A 23 -0.64 3.32 3.66
C PHE A 23 -1.05 2.48 4.88
N LYS A 24 -2.31 2.00 4.95
CA LYS A 24 -2.85 1.23 6.09
C LYS A 24 -4.05 0.34 5.73
N CYS A 25 -5.13 0.93 5.21
CA CYS A 25 -6.43 0.25 5.01
C CYS A 25 -6.49 -0.71 3.81
N LYS A 26 -5.72 -0.46 2.74
CA LYS A 26 -5.40 -1.37 1.60
C LYS A 26 -6.54 -2.22 1.00
N GLN A 27 -7.80 -1.76 1.10
CA GLN A 27 -8.98 -2.44 0.53
C GLN A 27 -8.98 -2.44 -1.02
N PRO A 28 -9.61 -3.42 -1.70
CA PRO A 28 -9.48 -3.69 -3.16
C PRO A 28 -9.71 -2.55 -4.17
N GLY A 29 -10.39 -1.45 -3.81
CA GLY A 29 -10.64 -0.31 -4.71
C GLY A 29 -10.84 1.06 -4.04
N HIS A 30 -10.73 1.14 -2.71
CA HIS A 30 -10.93 2.39 -1.94
C HIS A 30 -9.90 3.50 -2.25
N PHE A 31 -8.69 3.13 -2.69
CA PHE A 31 -7.54 4.01 -2.79
C PHE A 31 -7.75 5.14 -3.81
N SER A 32 -8.34 4.85 -4.97
CA SER A 32 -8.66 5.82 -6.03
C SER A 32 -9.69 6.90 -5.63
N LYS A 33 -10.27 6.80 -4.42
CA LYS A 33 -11.27 7.74 -3.86
C LYS A 33 -10.98 8.15 -2.41
N GLN A 34 -9.80 7.83 -1.87
CA GLN A 34 -9.37 8.25 -0.52
C GLN A 34 -7.84 8.43 -0.42
N CYS A 35 -7.07 7.34 -0.53
CA CYS A 35 -5.65 7.29 -0.16
C CYS A 35 -4.69 7.66 -1.32
N ARG A 36 -5.17 7.63 -2.56
CA ARG A 36 -4.36 7.77 -3.80
C ARG A 36 -5.09 8.56 -4.91
N SER A 37 -6.14 9.29 -4.55
CA SER A 37 -7.01 10.12 -5.43
C SER A 37 -6.23 11.02 -6.40
N GLN A 1 4.67 -7.45 -3.76
CA GLN A 1 4.34 -6.06 -4.19
C GLN A 1 5.51 -5.12 -3.80
N THR A 2 5.33 -3.80 -3.89
CA THR A 2 6.34 -2.76 -3.60
C THR A 2 5.84 -1.86 -2.47
N CYS A 3 6.74 -1.38 -1.60
CA CYS A 3 6.41 -0.63 -0.39
C CYS A 3 5.73 0.72 -0.65
N TYR A 4 4.87 1.14 0.30
CA TYR A 4 4.35 2.51 0.40
C TYR A 4 5.40 3.56 0.84
N ASN A 5 6.53 3.13 1.42
CA ASN A 5 7.47 3.99 2.14
C ASN A 5 8.94 3.69 1.81
N CYS A 6 9.34 2.41 1.88
CA CYS A 6 10.73 1.97 1.71
C CYS A 6 11.23 2.07 0.27
N GLY A 7 10.32 2.09 -0.72
CA GLY A 7 10.61 2.03 -2.16
C GLY A 7 11.17 0.67 -2.64
N LYS A 8 11.21 -0.35 -1.77
CA LYS A 8 11.71 -1.71 -2.07
C LYS A 8 10.60 -2.60 -2.65
N PRO A 9 10.94 -3.59 -3.50
CA PRO A 9 10.09 -4.74 -3.82
C PRO A 9 10.02 -5.71 -2.63
N GLY A 10 9.45 -6.91 -2.83
CA GLY A 10 9.36 -7.95 -1.79
C GLY A 10 8.52 -7.52 -0.58
N HIS A 11 7.53 -6.65 -0.82
CA HIS A 11 6.70 -6.02 0.20
C HIS A 11 5.24 -6.48 0.12
N LEU A 12 4.63 -6.58 1.30
CA LEU A 12 3.31 -7.15 1.60
C LEU A 12 2.79 -6.53 2.91
N SER A 13 1.54 -6.83 3.28
CA SER A 13 0.94 -6.55 4.59
C SER A 13 1.73 -7.12 5.79
N SER A 14 2.59 -8.11 5.55
CA SER A 14 3.51 -8.74 6.53
C SER A 14 4.92 -8.11 6.55
N GLN A 15 5.20 -7.15 5.67
CA GLN A 15 6.50 -6.45 5.56
C GLN A 15 6.41 -4.99 6.03
N CYS A 16 5.31 -4.31 5.66
CA CYS A 16 4.93 -2.96 6.05
C CYS A 16 3.39 -2.86 6.22
N ARG A 17 2.92 -1.72 6.77
CA ARG A 17 1.48 -1.43 7.00
C ARG A 17 0.63 -1.53 5.73
N ALA A 18 1.18 -1.21 4.56
CA ALA A 18 0.60 -1.51 3.25
C ALA A 18 1.68 -1.50 2.13
N PRO A 19 1.41 -2.12 0.97
CA PRO A 19 2.12 -1.81 -0.28
C PRO A 19 1.71 -0.43 -0.83
N LYS A 20 2.38 0.01 -1.91
CA LYS A 20 2.21 1.30 -2.62
C LYS A 20 0.78 1.63 -3.08
N VAL A 21 -0.13 0.65 -3.06
CA VAL A 21 -1.59 0.83 -3.21
C VAL A 21 -2.19 1.81 -2.18
N CYS A 22 -1.67 1.82 -0.95
CA CYS A 22 -2.24 2.53 0.20
C CYS A 22 -1.13 2.96 1.20
N PHE A 23 -1.48 3.07 2.48
CA PHE A 23 -0.57 3.26 3.61
C PHE A 23 -0.97 2.44 4.85
N LYS A 24 -2.24 2.02 4.97
CA LYS A 24 -2.77 1.25 6.12
C LYS A 24 -4.01 0.41 5.79
N CYS A 25 -5.07 1.02 5.27
CA CYS A 25 -6.40 0.40 5.10
C CYS A 25 -6.51 -0.59 3.91
N LYS A 26 -5.76 -0.37 2.82
CA LYS A 26 -5.46 -1.30 1.70
C LYS A 26 -6.63 -2.16 1.14
N GLN A 27 -7.88 -1.70 1.24
CA GLN A 27 -9.06 -2.38 0.70
C GLN A 27 -9.09 -2.41 -0.86
N PRO A 28 -9.73 -3.39 -1.51
CA PRO A 28 -9.62 -3.69 -2.96
C PRO A 28 -9.83 -2.56 -3.99
N GLY A 29 -10.49 -1.45 -3.64
CA GLY A 29 -10.74 -0.33 -4.57
C GLY A 29 -10.89 1.06 -3.92
N HIS A 30 -10.78 1.17 -2.59
CA HIS A 30 -10.94 2.42 -1.84
C HIS A 30 -9.89 3.51 -2.19
N PHE A 31 -8.69 3.09 -2.61
CA PHE A 31 -7.52 3.96 -2.78
C PHE A 31 -7.76 5.04 -3.84
N SER A 32 -8.40 4.70 -4.96
CA SER A 32 -8.77 5.62 -6.05
C SER A 32 -9.79 6.71 -5.67
N LYS A 33 -10.30 6.70 -4.43
CA LYS A 33 -11.25 7.69 -3.87
C LYS A 33 -10.91 8.17 -2.46
N GLN A 34 -9.72 7.84 -1.92
CA GLN A 34 -9.28 8.25 -0.58
C GLN A 34 -7.75 8.41 -0.44
N CYS A 35 -6.99 7.33 -0.68
CA CYS A 35 -5.58 7.23 -0.30
C CYS A 35 -4.59 7.50 -1.46
N ARG A 36 -5.06 7.43 -2.71
CA ARG A 36 -4.26 7.58 -3.95
C ARG A 36 -5.00 8.38 -5.05
N SER A 37 -6.19 8.90 -4.75
CA SER A 37 -7.01 9.79 -5.59
C SER A 37 -6.29 11.07 -6.04
N GLN A 1 4.76 -6.86 -3.60
CA GLN A 1 4.24 -5.58 -4.12
C GLN A 1 4.94 -4.43 -3.40
N THR A 2 5.52 -3.48 -4.14
CA THR A 2 6.40 -2.41 -3.63
C THR A 2 5.82 -1.62 -2.46
N CYS A 3 6.62 -1.42 -1.40
CA CYS A 3 6.27 -0.68 -0.19
C CYS A 3 5.74 0.74 -0.45
N TYR A 4 4.82 1.21 0.39
CA TYR A 4 4.41 2.62 0.45
C TYR A 4 5.51 3.60 0.88
N ASN A 5 6.63 3.11 1.45
CA ASN A 5 7.68 3.94 2.05
C ASN A 5 9.12 3.44 1.77
N CYS A 6 9.37 2.13 1.82
CA CYS A 6 10.71 1.54 1.63
C CYS A 6 11.19 1.51 0.16
N GLY A 7 10.29 1.70 -0.82
CA GLY A 7 10.60 1.61 -2.25
C GLY A 7 11.13 0.24 -2.71
N LYS A 8 10.69 -0.84 -2.06
CA LYS A 8 11.26 -2.20 -2.16
C LYS A 8 10.18 -3.22 -2.60
N PRO A 9 10.29 -3.84 -3.79
CA PRO A 9 9.29 -4.76 -4.38
C PRO A 9 8.79 -5.91 -3.48
N GLY A 10 9.66 -6.47 -2.62
CA GLY A 10 9.40 -7.63 -1.76
C GLY A 10 8.53 -7.37 -0.52
N HIS A 11 7.59 -6.41 -0.62
CA HIS A 11 6.69 -6.03 0.46
C HIS A 11 5.30 -6.67 0.35
N LEU A 12 4.65 -6.77 1.52
CA LEU A 12 3.38 -7.43 1.81
C LEU A 12 2.72 -6.75 3.02
N SER A 13 1.49 -7.13 3.34
CA SER A 13 0.71 -6.70 4.52
C SER A 13 1.38 -6.93 5.89
N SER A 14 2.47 -7.70 5.93
CA SER A 14 3.27 -8.01 7.15
C SER A 14 4.73 -7.56 7.05
N GLN A 15 5.13 -6.92 5.94
CA GLN A 15 6.47 -6.33 5.76
C GLN A 15 6.49 -4.84 6.17
N CYS A 16 5.44 -4.10 5.78
CA CYS A 16 5.04 -2.78 6.28
C CYS A 16 3.50 -2.69 6.38
N ARG A 17 2.98 -1.54 6.86
CA ARG A 17 1.54 -1.26 6.99
C ARG A 17 0.76 -1.45 5.66
N ALA A 18 1.35 -1.10 4.52
CA ALA A 18 0.79 -1.34 3.18
C ALA A 18 1.85 -1.28 2.05
N PRO A 19 1.56 -1.86 0.87
CA PRO A 19 2.23 -1.49 -0.38
C PRO A 19 1.77 -0.10 -0.87
N LYS A 20 2.45 0.46 -1.88
CA LYS A 20 2.19 1.82 -2.45
C LYS A 20 0.80 2.06 -3.04
N VAL A 21 -0.06 1.03 -3.09
CA VAL A 21 -1.51 1.13 -3.29
C VAL A 21 -2.18 2.05 -2.24
N CYS A 22 -1.67 2.03 -0.99
CA CYS A 22 -2.27 2.66 0.18
C CYS A 22 -1.18 3.13 1.18
N PHE A 23 -1.55 3.25 2.45
CA PHE A 23 -0.66 3.45 3.61
C PHE A 23 -1.03 2.55 4.81
N LYS A 24 -2.27 2.03 4.88
CA LYS A 24 -2.73 1.15 5.98
C LYS A 24 -3.91 0.24 5.61
N CYS A 25 -5.02 0.81 5.12
CA CYS A 25 -6.29 0.10 4.91
C CYS A 25 -6.31 -0.85 3.69
N LYS A 26 -5.55 -0.54 2.62
CA LYS A 26 -5.18 -1.41 1.47
C LYS A 26 -6.28 -2.31 0.84
N GLN A 27 -7.55 -1.93 0.94
CA GLN A 27 -8.68 -2.66 0.34
C GLN A 27 -8.66 -2.61 -1.21
N PRO A 28 -9.22 -3.62 -1.93
CA PRO A 28 -9.04 -3.84 -3.37
C PRO A 28 -9.31 -2.69 -4.37
N GLY A 29 -10.07 -1.66 -4.00
CA GLY A 29 -10.39 -0.52 -4.89
C GLY A 29 -10.70 0.82 -4.19
N HIS A 30 -10.58 0.89 -2.87
CA HIS A 30 -10.90 2.09 -2.07
C HIS A 30 -9.98 3.30 -2.34
N PHE A 31 -8.72 3.02 -2.71
CA PHE A 31 -7.62 3.98 -2.71
C PHE A 31 -7.84 5.16 -3.65
N SER A 32 -8.42 4.93 -4.83
CA SER A 32 -8.78 5.97 -5.82
C SER A 32 -9.84 6.97 -5.33
N LYS A 33 -10.42 6.77 -4.13
CA LYS A 33 -11.47 7.60 -3.52
C LYS A 33 -11.11 8.08 -2.09
N GLN A 34 -9.92 7.78 -1.59
CA GLN A 34 -9.45 8.21 -0.26
C GLN A 34 -7.93 8.41 -0.18
N CYS A 35 -7.16 7.34 -0.37
CA CYS A 35 -5.73 7.29 -0.03
C CYS A 35 -4.78 7.70 -1.18
N ARG A 36 -5.29 7.71 -2.42
CA ARG A 36 -4.52 7.91 -3.67
C ARG A 36 -5.27 8.73 -4.74
N SER A 37 -6.34 9.42 -4.33
CA SER A 37 -7.23 10.26 -5.15
C SER A 37 -6.49 11.24 -6.09
N GLN A 1 4.90 -6.87 -3.64
CA GLN A 1 4.46 -5.58 -4.24
C GLN A 1 5.11 -4.42 -3.50
N THR A 2 5.66 -3.44 -4.23
CA THR A 2 6.48 -2.34 -3.69
C THR A 2 5.84 -1.60 -2.51
N CYS A 3 6.64 -1.34 -1.46
CA CYS A 3 6.25 -0.63 -0.24
C CYS A 3 5.64 0.76 -0.48
N TYR A 4 4.75 1.20 0.42
CA TYR A 4 4.30 2.60 0.52
C TYR A 4 5.41 3.59 0.92
N ASN A 5 6.53 3.11 1.46
CA ASN A 5 7.58 3.91 2.11
C ASN A 5 9.01 3.51 1.69
N CYS A 6 9.32 2.21 1.75
CA CYS A 6 10.69 1.68 1.66
C CYS A 6 11.22 1.57 0.22
N GLY A 7 10.34 1.55 -0.78
CA GLY A 7 10.68 1.39 -2.21
C GLY A 7 11.18 -0.01 -2.62
N LYS A 8 11.15 -1.01 -1.73
CA LYS A 8 11.53 -2.41 -2.00
C LYS A 8 10.34 -3.18 -2.60
N PRO A 9 10.46 -3.81 -3.79
CA PRO A 9 9.43 -4.67 -4.40
C PRO A 9 8.92 -5.83 -3.52
N GLY A 10 9.77 -6.39 -2.65
CA GLY A 10 9.50 -7.55 -1.80
C GLY A 10 8.64 -7.27 -0.56
N HIS A 11 7.71 -6.32 -0.64
CA HIS A 11 6.80 -5.95 0.45
C HIS A 11 5.43 -6.62 0.34
N LEU A 12 4.79 -6.72 1.51
CA LEU A 12 3.53 -7.42 1.80
C LEU A 12 2.85 -6.74 3.01
N SER A 13 1.61 -7.10 3.31
CA SER A 13 0.84 -6.69 4.50
C SER A 13 1.50 -6.96 5.86
N SER A 14 2.56 -7.77 5.89
CA SER A 14 3.37 -8.11 7.08
C SER A 14 4.81 -7.54 7.03
N GLN A 15 5.23 -6.96 5.89
CA GLN A 15 6.53 -6.30 5.74
C GLN A 15 6.46 -4.81 6.17
N CYS A 16 5.36 -4.14 5.79
CA CYS A 16 4.91 -2.82 6.25
C CYS A 16 3.37 -2.78 6.33
N ARG A 17 2.82 -1.66 6.83
CA ARG A 17 1.37 -1.40 6.93
C ARG A 17 0.62 -1.51 5.59
N ALA A 18 1.25 -1.14 4.47
CA ALA A 18 0.70 -1.37 3.12
C ALA A 18 1.79 -1.31 2.01
N PRO A 19 1.52 -1.85 0.82
CA PRO A 19 2.22 -1.49 -0.43
C PRO A 19 1.79 -0.08 -0.92
N LYS A 20 2.46 0.42 -1.98
CA LYS A 20 2.23 1.74 -2.63
C LYS A 20 0.80 2.00 -3.12
N VAL A 21 -0.07 0.99 -3.13
CA VAL A 21 -1.53 1.11 -3.29
C VAL A 21 -2.17 2.04 -2.24
N CYS A 22 -1.66 2.03 -1.00
CA CYS A 22 -2.26 2.67 0.18
C CYS A 22 -1.17 3.14 1.17
N PHE A 23 -1.53 3.20 2.45
CA PHE A 23 -0.64 3.40 3.60
C PHE A 23 -0.99 2.49 4.80
N LYS A 24 -2.24 1.99 4.90
CA LYS A 24 -2.70 1.12 5.99
C LYS A 24 -3.92 0.24 5.63
N CYS A 25 -5.01 0.85 5.15
CA CYS A 25 -6.30 0.17 4.94
C CYS A 25 -6.36 -0.78 3.73
N LYS A 26 -5.61 -0.50 2.65
CA LYS A 26 -5.28 -1.38 1.50
C LYS A 26 -6.40 -2.25 0.89
N GLN A 27 -7.67 -1.85 1.01
CA GLN A 27 -8.82 -2.56 0.44
C GLN A 27 -8.82 -2.53 -1.11
N PRO A 28 -9.41 -3.53 -1.81
CA PRO A 28 -9.28 -3.77 -3.26
C PRO A 28 -9.54 -2.62 -4.26
N GLY A 29 -10.24 -1.55 -3.87
CA GLY A 29 -10.54 -0.41 -4.76
C GLY A 29 -10.75 0.95 -4.07
N HIS A 30 -10.67 1.01 -2.73
CA HIS A 30 -10.92 2.23 -1.94
C HIS A 30 -9.94 3.38 -2.24
N PHE A 31 -8.71 3.05 -2.64
CA PHE A 31 -7.57 3.98 -2.71
C PHE A 31 -7.81 5.12 -3.69
N SER A 32 -8.40 4.85 -4.86
CA SER A 32 -8.78 5.83 -5.88
C SER A 32 -9.84 6.86 -5.41
N LYS A 33 -10.39 6.70 -4.20
CA LYS A 33 -11.44 7.53 -3.59
C LYS A 33 -11.09 8.06 -2.18
N GLN A 34 -9.89 7.76 -1.67
CA GLN A 34 -9.47 8.16 -0.31
C GLN A 34 -7.95 8.37 -0.16
N CYS A 35 -7.13 7.35 -0.49
CA CYS A 35 -5.71 7.29 -0.12
C CYS A 35 -4.75 7.66 -1.28
N ARG A 36 -5.24 7.63 -2.52
CA ARG A 36 -4.49 7.88 -3.76
C ARG A 36 -5.28 8.71 -4.80
N SER A 37 -6.49 9.16 -4.42
CA SER A 37 -7.38 10.06 -5.17
C SER A 37 -6.72 11.39 -5.60
N GLN A 1 4.64 -7.56 -3.73
CA GLN A 1 4.33 -6.18 -4.20
C GLN A 1 5.50 -5.22 -3.81
N THR A 2 5.27 -3.91 -3.82
CA THR A 2 6.27 -2.85 -3.56
C THR A 2 5.78 -1.93 -2.45
N CYS A 3 6.68 -1.47 -1.58
CA CYS A 3 6.35 -0.70 -0.37
C CYS A 3 5.68 0.66 -0.64
N TYR A 4 4.82 1.08 0.29
CA TYR A 4 4.32 2.46 0.36
C TYR A 4 5.37 3.51 0.72
N ASN A 5 6.49 3.13 1.37
CA ASN A 5 7.43 4.06 2.00
C ASN A 5 8.92 3.69 1.81
N CYS A 6 9.29 2.41 1.88
CA CYS A 6 10.66 1.93 1.68
C CYS A 6 11.13 2.05 0.21
N GLY A 7 10.19 2.12 -0.75
CA GLY A 7 10.43 2.03 -2.20
C GLY A 7 10.92 0.66 -2.69
N LYS A 8 11.04 -0.32 -1.80
CA LYS A 8 11.56 -1.68 -2.08
C LYS A 8 10.47 -2.61 -2.65
N PRO A 9 10.83 -3.55 -3.55
CA PRO A 9 10.00 -4.72 -3.87
C PRO A 9 9.97 -5.72 -2.70
N GLY A 10 9.42 -6.92 -2.90
CA GLY A 10 9.34 -7.96 -1.86
C GLY A 10 8.51 -7.54 -0.65
N HIS A 11 7.52 -6.68 -0.85
CA HIS A 11 6.70 -6.06 0.19
C HIS A 11 5.24 -6.52 0.13
N LEU A 12 4.64 -6.60 1.32
CA LEU A 12 3.32 -7.17 1.63
C LEU A 12 2.81 -6.53 2.93
N SER A 13 1.56 -6.83 3.31
CA SER A 13 0.97 -6.53 4.62
C SER A 13 1.75 -7.07 5.84
N SER A 14 2.62 -8.07 5.61
CA SER A 14 3.53 -8.68 6.60
C SER A 14 4.93 -8.04 6.62
N GLN A 15 5.23 -7.11 5.71
CA GLN A 15 6.53 -6.43 5.57
C GLN A 15 6.44 -4.96 6.05
N CYS A 16 5.34 -4.28 5.68
CA CYS A 16 4.97 -2.91 6.09
C CYS A 16 3.43 -2.80 6.27
N ARG A 17 2.98 -1.67 6.81
CA ARG A 17 1.55 -1.35 7.04
C ARG A 17 0.68 -1.46 5.79
N ALA A 18 1.23 -1.17 4.61
CA ALA A 18 0.63 -1.46 3.30
C ALA A 18 1.68 -1.49 2.17
N PRO A 19 1.39 -2.14 1.03
CA PRO A 19 2.08 -1.86 -0.23
C PRO A 19 1.66 -0.49 -0.82
N LYS A 20 2.31 -0.07 -1.91
CA LYS A 20 2.13 1.23 -2.61
C LYS A 20 0.71 1.56 -3.06
N VAL A 21 -0.20 0.59 -3.03
CA VAL A 21 -1.67 0.76 -3.17
C VAL A 21 -2.24 1.77 -2.15
N CYS A 22 -1.71 1.78 -0.91
CA CYS A 22 -2.27 2.50 0.24
C CYS A 22 -1.15 2.94 1.22
N PHE A 23 -1.50 3.10 2.49
CA PHE A 23 -0.60 3.30 3.63
C PHE A 23 -1.02 2.50 4.89
N LYS A 24 -2.29 2.05 4.98
CA LYS A 24 -2.84 1.34 6.14
C LYS A 24 -4.04 0.44 5.82
N CYS A 25 -5.13 1.00 5.27
CA CYS A 25 -6.42 0.33 5.12
C CYS A 25 -6.51 -0.64 3.92
N LYS A 26 -5.75 -0.39 2.84
CA LYS A 26 -5.42 -1.31 1.71
C LYS A 26 -6.57 -2.18 1.13
N GLN A 27 -7.82 -1.73 1.20
CA GLN A 27 -8.98 -2.43 0.64
C GLN A 27 -8.96 -2.47 -0.92
N PRO A 28 -9.57 -3.49 -1.57
CA PRO A 28 -9.40 -3.79 -3.00
C PRO A 28 -9.61 -2.67 -4.05
N GLY A 29 -10.34 -1.60 -3.74
CA GLY A 29 -10.61 -0.50 -4.69
C GLY A 29 -10.88 0.88 -4.06
N HIS A 30 -10.70 1.03 -2.76
CA HIS A 30 -10.94 2.29 -2.03
C HIS A 30 -9.97 3.43 -2.40
N PHE A 31 -8.74 3.07 -2.77
CA PHE A 31 -7.57 3.97 -2.79
C PHE A 31 -7.72 5.14 -3.77
N SER A 32 -8.27 4.90 -4.95
CA SER A 32 -8.55 5.92 -5.98
C SER A 32 -9.57 7.00 -5.56
N LYS A 33 -10.19 6.86 -4.38
CA LYS A 33 -11.19 7.78 -3.80
C LYS A 33 -10.85 8.22 -2.37
N GLN A 34 -9.66 7.88 -1.84
CA GLN A 34 -9.22 8.31 -0.50
C GLN A 34 -7.69 8.46 -0.40
N CYS A 35 -6.94 7.36 -0.58
CA CYS A 35 -5.52 7.26 -0.21
C CYS A 35 -4.55 7.55 -1.36
N ARG A 36 -5.03 7.53 -2.62
CA ARG A 36 -4.23 7.63 -3.86
C ARG A 36 -4.94 8.45 -4.95
N SER A 37 -5.98 9.22 -4.59
CA SER A 37 -6.81 10.08 -5.45
C SER A 37 -6.03 10.96 -6.43
N GLN A 1 4.79 -7.38 -4.38
CA GLN A 1 4.41 -5.94 -4.41
C GLN A 1 5.58 -5.06 -3.94
N THR A 2 5.38 -3.74 -3.91
CA THR A 2 6.39 -2.70 -3.59
C THR A 2 5.88 -1.86 -2.41
N CYS A 3 6.79 -1.40 -1.54
CA CYS A 3 6.44 -0.66 -0.33
C CYS A 3 5.76 0.69 -0.57
N TYR A 4 4.91 1.11 0.37
CA TYR A 4 4.40 2.49 0.47
C TYR A 4 5.47 3.52 0.93
N ASN A 5 6.58 3.08 1.52
CA ASN A 5 7.52 3.95 2.23
C ASN A 5 9.01 3.60 2.02
N CYS A 6 9.38 2.31 2.06
CA CYS A 6 10.75 1.84 1.92
C CYS A 6 11.35 2.04 0.50
N GLY A 7 10.48 2.17 -0.52
CA GLY A 7 10.87 2.19 -1.94
C GLY A 7 11.46 0.87 -2.45
N LYS A 8 11.13 -0.26 -1.80
CA LYS A 8 11.68 -1.60 -2.06
C LYS A 8 10.62 -2.55 -2.65
N PRO A 9 11.01 -3.49 -3.53
CA PRO A 9 10.20 -4.66 -3.90
C PRO A 9 10.16 -5.67 -2.74
N GLY A 10 9.65 -6.89 -2.99
CA GLY A 10 9.55 -7.95 -1.97
C GLY A 10 8.66 -7.56 -0.79
N HIS A 11 7.66 -6.70 -1.04
CA HIS A 11 6.78 -6.11 -0.04
C HIS A 11 5.34 -6.56 -0.22
N LEU A 12 4.63 -6.57 0.92
CA LEU A 12 3.27 -7.07 1.11
C LEU A 12 2.65 -6.33 2.32
N SER A 13 1.34 -6.53 2.51
CA SER A 13 0.55 -6.10 3.69
C SER A 13 1.03 -6.60 5.06
N SER A 14 2.08 -7.43 5.08
CA SER A 14 2.75 -7.98 6.28
C SER A 14 4.25 -7.65 6.37
N GLN A 15 4.87 -7.15 5.28
CA GLN A 15 6.24 -6.62 5.27
C GLN A 15 6.26 -5.19 5.86
N CYS A 16 5.23 -4.40 5.51
CA CYS A 16 4.94 -3.07 6.02
C CYS A 16 3.41 -2.90 6.23
N ARG A 17 2.98 -1.76 6.80
CA ARG A 17 1.56 -1.44 7.07
C ARG A 17 0.67 -1.56 5.83
N ALA A 18 1.19 -1.24 4.65
CA ALA A 18 0.60 -1.54 3.35
C ALA A 18 1.67 -1.53 2.24
N PRO A 19 1.42 -2.16 1.08
CA PRO A 19 2.14 -1.87 -0.16
C PRO A 19 1.74 -0.49 -0.73
N LYS A 20 2.41 -0.06 -1.82
CA LYS A 20 2.22 1.22 -2.54
C LYS A 20 0.79 1.55 -2.97
N VAL A 21 -0.11 0.56 -2.95
CA VAL A 21 -1.57 0.71 -3.07
C VAL A 21 -2.17 1.71 -2.05
N CYS A 22 -1.64 1.75 -0.82
CA CYS A 22 -2.21 2.46 0.33
C CYS A 22 -1.10 2.93 1.31
N PHE A 23 -1.44 3.06 2.58
CA PHE A 23 -0.52 3.29 3.71
C PHE A 23 -0.94 2.52 4.98
N LYS A 24 -2.22 2.14 5.13
CA LYS A 24 -2.75 1.44 6.32
C LYS A 24 -4.02 0.61 6.05
N CYS A 25 -5.07 1.21 5.48
CA CYS A 25 -6.40 0.61 5.34
C CYS A 25 -6.53 -0.43 4.20
N LYS A 26 -5.76 -0.30 3.12
CA LYS A 26 -5.48 -1.30 2.05
C LYS A 26 -6.66 -2.15 1.51
N GLN A 27 -7.89 -1.64 1.56
CA GLN A 27 -9.09 -2.33 1.04
C GLN A 27 -9.09 -2.43 -0.50
N PRO A 28 -9.75 -3.45 -1.12
CA PRO A 28 -9.62 -3.83 -2.54
C PRO A 28 -9.81 -2.76 -3.64
N GLY A 29 -10.46 -1.62 -3.36
CA GLY A 29 -10.68 -0.55 -4.35
C GLY A 29 -10.83 0.87 -3.78
N HIS A 30 -10.71 1.06 -2.46
CA HIS A 30 -10.87 2.36 -1.78
C HIS A 30 -9.84 3.42 -2.18
N PHE A 31 -8.64 3.00 -2.58
CA PHE A 31 -7.47 3.85 -2.80
C PHE A 31 -7.71 4.89 -3.91
N SER A 32 -8.32 4.49 -5.02
CA SER A 32 -8.66 5.36 -6.16
C SER A 32 -9.68 6.47 -5.86
N LYS A 33 -10.27 6.48 -4.65
CA LYS A 33 -11.21 7.50 -4.14
C LYS A 33 -10.85 8.06 -2.76
N GLN A 34 -9.67 7.70 -2.22
CA GLN A 34 -9.16 8.18 -0.93
C GLN A 34 -7.63 8.28 -0.95
N CYS A 35 -6.91 7.20 -0.61
CA CYS A 35 -5.48 7.20 -0.30
C CYS A 35 -4.55 7.47 -1.51
N ARG A 36 -5.04 7.31 -2.74
CA ARG A 36 -4.28 7.41 -4.00
C ARG A 36 -5.05 8.16 -5.12
N SER A 37 -6.14 8.84 -4.75
CA SER A 37 -7.01 9.66 -5.64
C SER A 37 -6.24 10.71 -6.43
N GLN A 1 5.07 -7.06 -3.53
CA GLN A 1 4.52 -5.79 -4.06
C GLN A 1 5.15 -4.60 -3.33
N THR A 2 5.63 -3.59 -4.07
CA THR A 2 6.43 -2.46 -3.54
C THR A 2 5.78 -1.74 -2.35
N CYS A 3 6.58 -1.47 -1.31
CA CYS A 3 6.20 -0.76 -0.08
C CYS A 3 5.57 0.62 -0.33
N TYR A 4 4.70 1.06 0.58
CA TYR A 4 4.23 2.45 0.65
C TYR A 4 5.35 3.48 0.91
N ASN A 5 6.47 3.05 1.52
CA ASN A 5 7.53 3.91 2.05
C ASN A 5 8.95 3.49 1.62
N CYS A 6 9.26 2.20 1.72
CA CYS A 6 10.62 1.67 1.61
C CYS A 6 11.15 1.58 0.15
N GLY A 7 10.28 1.77 -0.86
CA GLY A 7 10.63 1.70 -2.28
C GLY A 7 11.21 0.35 -2.72
N LYS A 8 10.75 -0.75 -2.10
CA LYS A 8 11.35 -2.10 -2.16
C LYS A 8 10.30 -3.13 -2.60
N PRO A 9 10.41 -3.75 -3.80
CA PRO A 9 9.44 -4.72 -4.35
C PRO A 9 9.05 -5.89 -3.45
N GLY A 10 9.97 -6.38 -2.62
CA GLY A 10 9.79 -7.55 -1.72
C GLY A 10 8.95 -7.31 -0.47
N HIS A 11 7.94 -6.43 -0.56
CA HIS A 11 7.02 -6.11 0.53
C HIS A 11 5.67 -6.82 0.42
N LEU A 12 5.02 -6.92 1.58
CA LEU A 12 3.73 -7.57 1.88
C LEU A 12 3.11 -6.83 3.08
N SER A 13 1.85 -7.10 3.40
CA SER A 13 1.16 -6.62 4.62
C SER A 13 1.83 -7.00 5.95
N SER A 14 2.82 -7.91 5.92
CA SER A 14 3.65 -8.35 7.05
C SER A 14 5.07 -7.74 7.04
N GLN A 15 5.48 -7.09 5.95
CA GLN A 15 6.79 -6.42 5.82
C GLN A 15 6.69 -4.94 6.25
N CYS A 16 5.62 -4.26 5.82
CA CYS A 16 5.08 -2.99 6.33
C CYS A 16 3.54 -3.08 6.33
N ARG A 17 2.85 -2.13 6.96
CA ARG A 17 1.37 -2.13 7.05
C ARG A 17 0.62 -2.20 5.71
N ALA A 18 1.21 -1.69 4.62
CA ALA A 18 0.60 -1.67 3.29
C ALA A 18 1.64 -1.52 2.15
N PRO A 19 1.33 -2.02 0.93
CA PRO A 19 2.05 -1.66 -0.29
C PRO A 19 1.65 -0.25 -0.80
N LYS A 20 2.35 0.24 -1.83
CA LYS A 20 2.17 1.60 -2.42
C LYS A 20 0.76 1.93 -2.92
N VAL A 21 -0.11 0.94 -3.08
CA VAL A 21 -1.57 1.09 -3.31
C VAL A 21 -2.23 1.99 -2.26
N CYS A 22 -1.73 1.98 -1.02
CA CYS A 22 -2.29 2.65 0.15
C CYS A 22 -1.17 3.13 1.10
N PHE A 23 -1.53 3.38 2.36
CA PHE A 23 -0.65 3.61 3.50
C PHE A 23 -1.11 2.88 4.78
N LYS A 24 -2.31 2.25 4.79
CA LYS A 24 -2.88 1.54 5.95
C LYS A 24 -4.03 0.58 5.56
N CYS A 25 -5.11 1.12 4.98
CA CYS A 25 -6.39 0.46 4.76
C CYS A 25 -6.40 -0.61 3.65
N LYS A 26 -5.61 -0.42 2.57
CA LYS A 26 -5.29 -1.37 1.49
C LYS A 26 -6.44 -2.21 0.88
N GLN A 27 -7.69 -1.77 1.00
CA GLN A 27 -8.87 -2.46 0.43
C GLN A 27 -8.86 -2.42 -1.13
N PRO A 28 -9.47 -3.42 -1.83
CA PRO A 28 -9.32 -3.66 -3.28
C PRO A 28 -9.52 -2.50 -4.27
N GLY A 29 -10.28 -1.45 -3.91
CA GLY A 29 -10.56 -0.30 -4.79
C GLY A 29 -10.82 1.03 -4.09
N HIS A 30 -10.68 1.10 -2.76
CA HIS A 30 -10.96 2.30 -1.96
C HIS A 30 -10.03 3.49 -2.28
N PHE A 31 -8.78 3.20 -2.69
CA PHE A 31 -7.69 4.17 -2.78
C PHE A 31 -7.99 5.31 -3.77
N SER A 32 -8.58 5.02 -4.93
CA SER A 32 -9.02 6.03 -5.92
C SER A 32 -10.08 7.02 -5.41
N LYS A 33 -10.60 6.83 -4.18
CA LYS A 33 -11.62 7.66 -3.52
C LYS A 33 -11.20 8.11 -2.11
N GLN A 34 -9.95 7.84 -1.67
CA GLN A 34 -9.43 8.27 -0.36
C GLN A 34 -7.90 8.49 -0.34
N CYS A 35 -7.12 7.48 -0.73
CA CYS A 35 -5.66 7.43 -0.55
C CYS A 35 -4.85 7.80 -1.83
N ARG A 36 -5.55 8.02 -2.95
CA ARG A 36 -5.02 8.29 -4.29
C ARG A 36 -5.97 9.14 -5.16
N SER A 37 -6.92 9.84 -4.53
CA SER A 37 -7.94 10.72 -5.15
C SER A 37 -7.37 11.73 -6.15
N GLN A 1 4.97 -6.86 -3.65
CA GLN A 1 4.31 -5.59 -4.04
C GLN A 1 5.02 -4.43 -3.33
N THR A 2 5.57 -3.47 -4.08
CA THR A 2 6.45 -2.40 -3.58
C THR A 2 5.86 -1.62 -2.39
N CYS A 3 6.68 -1.36 -1.37
CA CYS A 3 6.32 -0.64 -0.15
C CYS A 3 5.76 0.77 -0.42
N TYR A 4 4.82 1.22 0.43
CA TYR A 4 4.39 2.63 0.50
C TYR A 4 5.48 3.62 0.96
N ASN A 5 6.60 3.12 1.51
CA ASN A 5 7.64 3.92 2.15
C ASN A 5 9.07 3.50 1.73
N CYS A 6 9.37 2.20 1.79
CA CYS A 6 10.74 1.67 1.68
C CYS A 6 11.25 1.54 0.24
N GLY A 7 10.35 1.52 -0.76
CA GLY A 7 10.67 1.36 -2.18
C GLY A 7 11.16 -0.03 -2.61
N LYS A 8 11.16 -1.04 -1.72
CA LYS A 8 11.56 -2.43 -2.01
C LYS A 8 10.39 -3.22 -2.62
N PRO A 9 10.51 -3.80 -3.84
CA PRO A 9 9.47 -4.63 -4.47
C PRO A 9 8.96 -5.82 -3.65
N GLY A 10 9.82 -6.43 -2.82
CA GLY A 10 9.52 -7.62 -2.01
C GLY A 10 8.68 -7.39 -0.74
N HIS A 11 7.95 -6.28 -0.68
CA HIS A 11 7.01 -5.98 0.41
C HIS A 11 5.66 -6.71 0.25
N LEU A 12 4.93 -6.77 1.37
CA LEU A 12 3.68 -7.48 1.60
C LEU A 12 2.86 -6.73 2.67
N SER A 13 1.61 -7.14 2.87
CA SER A 13 0.69 -6.66 3.92
C SER A 13 1.23 -6.76 5.37
N SER A 14 2.30 -7.53 5.59
CA SER A 14 2.99 -7.74 6.87
C SER A 14 4.45 -7.27 6.89
N GLN A 15 5.02 -6.89 5.75
CA GLN A 15 6.40 -6.35 5.66
C GLN A 15 6.46 -4.88 6.14
N CYS A 16 5.43 -4.10 5.75
CA CYS A 16 5.05 -2.80 6.29
C CYS A 16 3.50 -2.71 6.38
N ARG A 17 2.98 -1.58 6.89
CA ARG A 17 1.54 -1.33 7.04
C ARG A 17 0.74 -1.56 5.74
N ALA A 18 1.29 -1.16 4.59
CA ALA A 18 0.71 -1.42 3.26
C ALA A 18 1.78 -1.34 2.13
N PRO A 19 1.53 -1.93 0.95
CA PRO A 19 2.22 -1.56 -0.29
C PRO A 19 1.76 -0.17 -0.79
N LYS A 20 2.44 0.39 -1.80
CA LYS A 20 2.19 1.73 -2.39
C LYS A 20 0.78 1.98 -2.96
N VAL A 21 -0.06 0.96 -3.01
CA VAL A 21 -1.53 1.06 -3.22
C VAL A 21 -2.19 1.96 -2.16
N CYS A 22 -1.70 1.94 -0.92
CA CYS A 22 -2.30 2.58 0.26
C CYS A 22 -1.19 3.05 1.25
N PHE A 23 -1.56 3.16 2.53
CA PHE A 23 -0.68 3.37 3.68
C PHE A 23 -1.10 2.54 4.92
N LYS A 24 -2.36 2.06 4.98
CA LYS A 24 -2.91 1.31 6.12
C LYS A 24 -4.13 0.45 5.76
N CYS A 25 -5.18 1.05 5.19
CA CYS A 25 -6.49 0.44 4.97
C CYS A 25 -6.52 -0.63 3.86
N LYS A 26 -5.71 -0.48 2.81
CA LYS A 26 -5.35 -1.47 1.75
C LYS A 26 -6.48 -2.34 1.16
N GLN A 27 -7.73 -1.88 1.17
CA GLN A 27 -8.89 -2.58 0.56
C GLN A 27 -8.83 -2.57 -0.98
N PRO A 28 -9.42 -3.57 -1.68
CA PRO A 28 -9.24 -3.83 -3.13
C PRO A 28 -9.47 -2.69 -4.15
N GLY A 29 -10.19 -1.62 -3.79
CA GLY A 29 -10.47 -0.49 -4.70
C GLY A 29 -10.71 0.88 -4.04
N HIS A 30 -10.64 0.97 -2.71
CA HIS A 30 -10.90 2.21 -1.95
C HIS A 30 -9.91 3.36 -2.26
N PHE A 31 -8.69 3.03 -2.65
CA PHE A 31 -7.55 3.96 -2.73
C PHE A 31 -7.77 5.09 -3.73
N SER A 32 -8.36 4.79 -4.90
CA SER A 32 -8.73 5.78 -5.93
C SER A 32 -9.79 6.79 -5.49
N LYS A 33 -10.34 6.64 -4.28
CA LYS A 33 -11.44 7.44 -3.71
C LYS A 33 -11.12 7.98 -2.29
N GLN A 34 -9.91 7.75 -1.78
CA GLN A 34 -9.47 8.22 -0.45
C GLN A 34 -7.94 8.43 -0.38
N CYS A 35 -7.16 7.37 -0.54
CA CYS A 35 -5.74 7.33 -0.17
C CYS A 35 -4.77 7.71 -1.32
N ARG A 36 -5.25 7.68 -2.57
CA ARG A 36 -4.45 7.81 -3.80
C ARG A 36 -5.19 8.57 -4.93
N SER A 37 -6.29 9.26 -4.58
CA SER A 37 -7.18 10.04 -5.46
C SER A 37 -6.45 10.97 -6.45
N GLN A 1 4.96 -6.86 -3.71
CA GLN A 1 4.38 -5.57 -4.14
C GLN A 1 5.12 -4.43 -3.42
N THR A 2 5.65 -3.45 -4.16
CA THR A 2 6.48 -2.35 -3.63
C THR A 2 5.85 -1.62 -2.44
N CYS A 3 6.65 -1.33 -1.42
CA CYS A 3 6.26 -0.63 -0.19
C CYS A 3 5.67 0.79 -0.45
N TYR A 4 4.77 1.22 0.43
CA TYR A 4 4.34 2.63 0.54
C TYR A 4 5.44 3.61 1.01
N ASN A 5 6.55 3.09 1.57
CA ASN A 5 7.58 3.86 2.27
C ASN A 5 9.01 3.46 1.87
N CYS A 6 9.30 2.16 1.88
CA CYS A 6 10.65 1.60 1.77
C CYS A 6 11.19 1.52 0.32
N GLY A 7 10.35 1.75 -0.69
CA GLY A 7 10.71 1.71 -2.12
C GLY A 7 11.27 0.36 -2.60
N LYS A 8 10.80 -0.76 -2.03
CA LYS A 8 11.38 -2.10 -2.18
C LYS A 8 10.31 -3.11 -2.66
N PRO A 9 10.43 -3.70 -3.87
CA PRO A 9 9.44 -4.62 -4.47
C PRO A 9 8.98 -5.80 -3.61
N GLY A 10 9.86 -6.36 -2.77
CA GLY A 10 9.61 -7.55 -1.93
C GLY A 10 8.73 -7.33 -0.69
N HIS A 11 7.88 -6.30 -0.70
CA HIS A 11 6.94 -5.99 0.38
C HIS A 11 5.58 -6.69 0.23
N LEU A 12 4.87 -6.75 1.36
CA LEU A 12 3.61 -7.42 1.61
C LEU A 12 2.85 -6.67 2.72
N SER A 13 1.58 -7.01 2.93
CA SER A 13 0.75 -6.56 4.07
C SER A 13 1.31 -6.91 5.47
N SER A 14 2.33 -7.78 5.54
CA SER A 14 3.07 -8.16 6.75
C SER A 14 4.50 -7.59 6.81
N GLN A 15 5.02 -7.01 5.71
CA GLN A 15 6.35 -6.40 5.63
C GLN A 15 6.33 -4.93 6.10
N CYS A 16 5.27 -4.20 5.73
CA CYS A 16 4.88 -2.87 6.24
C CYS A 16 3.35 -2.76 6.38
N ARG A 17 2.86 -1.62 6.91
CA ARG A 17 1.43 -1.32 7.06
C ARG A 17 0.63 -1.46 5.76
N ALA A 18 1.22 -1.14 4.60
CA ALA A 18 0.65 -1.39 3.27
C ALA A 18 1.72 -1.37 2.15
N PRO A 19 1.44 -1.96 0.98
CA PRO A 19 2.14 -1.63 -0.26
C PRO A 19 1.74 -0.23 -0.79
N LYS A 20 2.41 0.25 -1.84
CA LYS A 20 2.23 1.56 -2.51
C LYS A 20 0.82 1.87 -3.00
N VAL A 21 -0.05 0.85 -3.06
CA VAL A 21 -1.51 0.97 -3.24
C VAL A 21 -2.16 1.90 -2.19
N CYS A 22 -1.65 1.93 -0.96
CA CYS A 22 -2.25 2.59 0.20
C CYS A 22 -1.15 3.08 1.19
N PHE A 23 -1.51 3.18 2.47
CA PHE A 23 -0.62 3.42 3.61
C PHE A 23 -1.01 2.58 4.86
N LYS A 24 -2.26 2.13 4.97
CA LYS A 24 -2.76 1.33 6.11
C LYS A 24 -3.98 0.46 5.80
N CYS A 25 -5.06 1.05 5.26
CA CYS A 25 -6.36 0.40 5.08
C CYS A 25 -6.42 -0.61 3.92
N LYS A 26 -5.64 -0.42 2.84
CA LYS A 26 -5.31 -1.37 1.75
C LYS A 26 -6.44 -2.25 1.16
N GLN A 27 -7.69 -1.81 1.24
CA GLN A 27 -8.85 -2.54 0.67
C GLN A 27 -8.84 -2.56 -0.88
N PRO A 28 -9.43 -3.58 -1.54
CA PRO A 28 -9.27 -3.88 -2.98
C PRO A 28 -9.53 -2.76 -4.03
N GLY A 29 -10.24 -1.69 -3.69
CA GLY A 29 -10.53 -0.58 -4.63
C GLY A 29 -10.77 0.80 -4.00
N HIS A 30 -10.67 0.92 -2.67
CA HIS A 30 -10.92 2.18 -1.94
C HIS A 30 -9.94 3.32 -2.28
N PHE A 31 -8.71 2.96 -2.68
CA PHE A 31 -7.57 3.87 -2.73
C PHE A 31 -7.76 5.02 -3.73
N SER A 32 -8.33 4.75 -4.90
CA SER A 32 -8.62 5.73 -5.96
C SER A 32 -9.61 6.84 -5.56
N LYS A 33 -10.24 6.73 -4.38
CA LYS A 33 -11.21 7.68 -3.82
C LYS A 33 -10.95 8.03 -2.34
N GLN A 34 -9.77 7.72 -1.80
CA GLN A 34 -9.38 8.06 -0.42
C GLN A 34 -7.88 8.33 -0.23
N CYS A 35 -7.00 7.46 -0.77
CA CYS A 35 -5.58 7.40 -0.42
C CYS A 35 -4.64 7.78 -1.58
N ARG A 36 -5.10 7.63 -2.83
CA ARG A 36 -4.38 7.89 -4.09
C ARG A 36 -5.15 8.85 -5.02
N SER A 37 -6.19 9.52 -4.49
CA SER A 37 -7.11 10.45 -5.18
C SER A 37 -6.42 11.49 -6.06
N GLN A 1 4.82 -6.91 -3.56
CA GLN A 1 4.21 -5.62 -4.00
C GLN A 1 4.97 -4.46 -3.35
N THR A 2 5.52 -3.54 -4.14
CA THR A 2 6.39 -2.43 -3.67
C THR A 2 5.79 -1.64 -2.51
N CYS A 3 6.61 -1.36 -1.49
CA CYS A 3 6.24 -0.63 -0.27
C CYS A 3 5.65 0.78 -0.51
N TYR A 4 4.76 1.22 0.38
CA TYR A 4 4.32 2.62 0.49
C TYR A 4 5.42 3.60 0.93
N ASN A 5 6.54 3.11 1.47
CA ASN A 5 7.59 3.89 2.13
C ASN A 5 9.02 3.49 1.69
N CYS A 6 9.31 2.19 1.70
CA CYS A 6 10.67 1.64 1.56
C CYS A 6 11.15 1.53 0.10
N GLY A 7 10.26 1.68 -0.89
CA GLY A 7 10.56 1.60 -2.32
C GLY A 7 11.10 0.24 -2.81
N LYS A 8 10.81 -0.85 -2.08
CA LYS A 8 11.37 -2.21 -2.31
C LYS A 8 10.26 -3.20 -2.73
N PRO A 9 10.37 -3.88 -3.89
CA PRO A 9 9.35 -4.81 -4.41
C PRO A 9 8.86 -5.92 -3.47
N GLY A 10 9.77 -6.44 -2.62
CA GLY A 10 9.53 -7.58 -1.71
C GLY A 10 8.69 -7.27 -0.46
N HIS A 11 7.70 -6.37 -0.58
CA HIS A 11 6.81 -5.98 0.50
C HIS A 11 5.41 -6.62 0.39
N LEU A 12 4.76 -6.71 1.56
CA LEU A 12 3.49 -7.36 1.87
C LEU A 12 2.89 -6.68 3.12
N SER A 13 1.65 -7.03 3.46
CA SER A 13 0.97 -6.66 4.72
C SER A 13 1.73 -7.04 6.00
N SER A 14 2.69 -7.97 5.91
CA SER A 14 3.57 -8.43 6.99
C SER A 14 4.97 -7.77 6.98
N GLN A 15 5.29 -6.97 5.95
CA GLN A 15 6.58 -6.29 5.78
C GLN A 15 6.49 -4.80 6.18
N CYS A 16 5.41 -4.13 5.79
CA CYS A 16 4.97 -2.80 6.23
C CYS A 16 3.43 -2.73 6.34
N ARG A 17 2.91 -1.60 6.85
CA ARG A 17 1.46 -1.35 7.00
C ARG A 17 0.67 -1.53 5.70
N ALA A 18 1.25 -1.16 4.54
CA ALA A 18 0.68 -1.38 3.21
C ALA A 18 1.74 -1.32 2.09
N PRO A 19 1.45 -1.88 0.90
CA PRO A 19 2.14 -1.54 -0.34
C PRO A 19 1.72 -0.15 -0.86
N LYS A 20 2.39 0.33 -1.92
CA LYS A 20 2.20 1.65 -2.58
C LYS A 20 0.76 1.96 -3.03
N VAL A 21 -0.11 0.96 -3.06
CA VAL A 21 -1.58 1.10 -3.21
C VAL A 21 -2.20 2.03 -2.16
N CYS A 22 -1.68 2.00 -0.91
CA CYS A 22 -2.30 2.63 0.27
C CYS A 22 -1.21 3.09 1.28
N PHE A 23 -1.58 3.21 2.55
CA PHE A 23 -0.71 3.40 3.71
C PHE A 23 -1.11 2.53 4.92
N LYS A 24 -2.35 2.00 4.96
CA LYS A 24 -2.87 1.18 6.08
C LYS A 24 -4.03 0.25 5.69
N CYS A 25 -5.13 0.80 5.17
CA CYS A 25 -6.39 0.10 4.95
C CYS A 25 -6.41 -0.86 3.74
N LYS A 26 -5.63 -0.57 2.68
CA LYS A 26 -5.26 -1.44 1.53
C LYS A 26 -6.37 -2.31 0.88
N GLN A 27 -7.64 -1.90 0.96
CA GLN A 27 -8.78 -2.61 0.35
C GLN A 27 -8.76 -2.55 -1.19
N PRO A 28 -9.34 -3.53 -1.93
CA PRO A 28 -9.18 -3.72 -3.38
C PRO A 28 -9.46 -2.55 -4.36
N GLY A 29 -10.17 -1.50 -3.94
CA GLY A 29 -10.48 -0.35 -4.82
C GLY A 29 -10.71 1.00 -4.12
N HIS A 30 -10.65 1.06 -2.78
CA HIS A 30 -10.91 2.26 -1.98
C HIS A 30 -9.94 3.43 -2.25
N PHE A 31 -8.70 3.11 -2.65
CA PHE A 31 -7.58 4.05 -2.72
C PHE A 31 -7.82 5.20 -3.72
N SER A 32 -8.41 4.90 -4.88
CA SER A 32 -8.73 5.88 -5.94
C SER A 32 -9.75 6.96 -5.54
N LYS A 33 -10.37 6.84 -4.35
CA LYS A 33 -11.33 7.79 -3.78
C LYS A 33 -11.02 8.20 -2.32
N GLN A 34 -9.85 7.81 -1.80
CA GLN A 34 -9.40 8.16 -0.44
C GLN A 34 -7.87 8.32 -0.39
N CYS A 35 -7.12 7.21 -0.28
CA CYS A 35 -5.70 7.19 0.06
C CYS A 35 -4.75 7.60 -1.08
N ARG A 36 -5.22 7.58 -2.34
CA ARG A 36 -4.45 7.86 -3.56
C ARG A 36 -5.22 8.72 -4.58
N SER A 37 -6.34 9.34 -4.14
CA SER A 37 -7.21 10.25 -4.90
C SER A 37 -6.45 11.42 -5.55
N GLN A 1 4.95 -6.91 -3.65
CA GLN A 1 4.37 -5.61 -4.10
C GLN A 1 5.11 -4.47 -3.40
N THR A 2 5.64 -3.50 -4.15
CA THR A 2 6.47 -2.38 -3.65
C THR A 2 5.85 -1.65 -2.46
N CYS A 3 6.65 -1.36 -1.43
CA CYS A 3 6.27 -0.66 -0.21
C CYS A 3 5.63 0.73 -0.44
N TYR A 4 4.76 1.16 0.47
CA TYR A 4 4.29 2.56 0.56
C TYR A 4 5.39 3.56 0.98
N ASN A 5 6.52 3.08 1.51
CA ASN A 5 7.56 3.89 2.15
C ASN A 5 8.99 3.49 1.72
N CYS A 6 9.30 2.19 1.73
CA CYS A 6 10.67 1.67 1.63
C CYS A 6 11.22 1.58 0.18
N GLY A 7 10.39 1.80 -0.84
CA GLY A 7 10.77 1.72 -2.26
C GLY A 7 11.33 0.37 -2.70
N LYS A 8 10.82 -0.73 -2.12
CA LYS A 8 11.38 -2.09 -2.18
C LYS A 8 10.30 -3.10 -2.64
N PRO A 9 10.40 -3.70 -3.84
CA PRO A 9 9.41 -4.64 -4.42
C PRO A 9 8.98 -5.82 -3.52
N GLY A 10 9.89 -6.33 -2.68
CA GLY A 10 9.68 -7.49 -1.81
C GLY A 10 8.83 -7.24 -0.56
N HIS A 11 7.83 -6.36 -0.65
CA HIS A 11 6.92 -6.00 0.43
C HIS A 11 5.54 -6.66 0.31
N LEU A 12 4.87 -6.72 1.46
CA LEU A 12 3.58 -7.34 1.75
C LEU A 12 2.95 -6.62 2.95
N SER A 13 1.69 -6.92 3.26
CA SER A 13 1.01 -6.52 4.51
C SER A 13 1.69 -7.01 5.81
N SER A 14 2.59 -7.99 5.71
CA SER A 14 3.46 -8.49 6.79
C SER A 14 4.86 -7.84 6.83
N GLN A 15 5.23 -7.06 5.81
CA GLN A 15 6.53 -6.39 5.70
C GLN A 15 6.45 -4.92 6.15
N CYS A 16 5.37 -4.22 5.73
CA CYS A 16 4.94 -2.89 6.20
C CYS A 16 3.40 -2.82 6.27
N ARG A 17 2.87 -1.71 6.81
CA ARG A 17 1.44 -1.46 7.01
C ARG A 17 0.60 -1.59 5.72
N ALA A 18 1.18 -1.22 4.57
CA ALA A 18 0.61 -1.46 3.24
C ALA A 18 1.68 -1.40 2.13
N PRO A 19 1.43 -1.98 0.94
CA PRO A 19 2.15 -1.65 -0.29
C PRO A 19 1.73 -0.25 -0.82
N LYS A 20 2.39 0.22 -1.89
CA LYS A 20 2.21 1.53 -2.55
C LYS A 20 0.79 1.84 -3.03
N VAL A 21 -0.10 0.84 -3.03
CA VAL A 21 -1.56 0.99 -3.20
C VAL A 21 -2.19 1.94 -2.15
N CYS A 22 -1.69 1.92 -0.91
CA CYS A 22 -2.27 2.59 0.26
C CYS A 22 -1.18 3.03 1.26
N PHE A 23 -1.54 3.14 2.54
CA PHE A 23 -0.65 3.34 3.68
C PHE A 23 -1.07 2.50 4.91
N LYS A 24 -2.33 2.03 5.00
CA LYS A 24 -2.85 1.26 6.15
C LYS A 24 -4.07 0.38 5.80
N CYS A 25 -5.14 0.96 5.26
CA CYS A 25 -6.44 0.30 5.08
C CYS A 25 -6.51 -0.67 3.88
N LYS A 26 -5.73 -0.43 2.80
CA LYS A 26 -5.40 -1.36 1.69
C LYS A 26 -6.54 -2.21 1.08
N GLN A 27 -7.79 -1.75 1.15
CA GLN A 27 -8.96 -2.45 0.57
C GLN A 27 -8.94 -2.47 -0.98
N PRO A 28 -9.56 -3.47 -1.65
CA PRO A 28 -9.42 -3.76 -3.09
C PRO A 28 -9.64 -2.63 -4.13
N GLY A 29 -10.31 -1.53 -3.79
CA GLY A 29 -10.58 -0.41 -4.71
C GLY A 29 -10.76 0.97 -4.07
N HIS A 30 -10.69 1.08 -2.74
CA HIS A 30 -10.91 2.33 -1.99
C HIS A 30 -9.89 3.45 -2.31
N PHE A 31 -8.67 3.08 -2.71
CA PHE A 31 -7.52 3.98 -2.82
C PHE A 31 -7.74 5.11 -3.83
N SER A 32 -8.35 4.80 -4.98
CA SER A 32 -8.69 5.76 -6.05
C SER A 32 -9.72 6.84 -5.65
N LYS A 33 -10.27 6.77 -4.44
CA LYS A 33 -11.25 7.73 -3.87
C LYS A 33 -10.95 8.15 -2.42
N GLN A 34 -9.79 7.81 -1.87
CA GLN A 34 -9.40 8.17 -0.49
C GLN A 34 -7.89 8.36 -0.28
N CYS A 35 -7.08 7.34 -0.61
CA CYS A 35 -5.67 7.25 -0.20
C CYS A 35 -4.66 7.56 -1.33
N ARG A 36 -5.10 7.52 -2.59
CA ARG A 36 -4.29 7.72 -3.81
C ARG A 36 -5.01 8.56 -4.89
N SER A 37 -6.22 9.05 -4.58
CA SER A 37 -7.04 9.98 -5.38
C SER A 37 -6.31 11.28 -5.77
N GLN A 1 4.88 -6.79 -3.80
CA GLN A 1 4.45 -5.48 -4.34
C GLN A 1 5.13 -4.35 -3.56
N THR A 2 5.67 -3.34 -4.26
CA THR A 2 6.51 -2.28 -3.68
C THR A 2 5.89 -1.58 -2.46
N CYS A 3 6.70 -1.33 -1.43
CA CYS A 3 6.32 -0.65 -0.20
C CYS A 3 5.75 0.78 -0.42
N TYR A 4 4.87 1.22 0.48
CA TYR A 4 4.47 2.63 0.59
C TYR A 4 5.59 3.59 1.03
N ASN A 5 6.70 3.08 1.58
CA ASN A 5 7.75 3.89 2.21
C ASN A 5 9.18 3.40 1.93
N CYS A 6 9.44 2.09 1.99
CA CYS A 6 10.78 1.50 1.85
C CYS A 6 11.30 1.48 0.38
N GLY A 7 10.39 1.50 -0.60
CA GLY A 7 10.72 1.38 -2.03
C GLY A 7 11.20 -0.02 -2.50
N LYS A 8 11.17 -1.04 -1.63
CA LYS A 8 11.54 -2.43 -1.94
C LYS A 8 10.36 -3.19 -2.58
N PRO A 9 10.50 -3.77 -3.80
CA PRO A 9 9.47 -4.59 -4.46
C PRO A 9 8.92 -5.77 -3.65
N GLY A 10 9.74 -6.39 -2.80
CA GLY A 10 9.43 -7.60 -2.01
C GLY A 10 8.56 -7.36 -0.77
N HIS A 11 7.72 -6.32 -0.78
CA HIS A 11 6.80 -5.99 0.31
C HIS A 11 5.42 -6.67 0.17
N LEU A 12 4.73 -6.74 1.31
CA LEU A 12 3.47 -7.42 1.59
C LEU A 12 2.73 -6.67 2.71
N SER A 13 1.46 -7.02 2.94
CA SER A 13 0.62 -6.57 4.07
C SER A 13 1.19 -6.88 5.47
N SER A 14 2.22 -7.73 5.56
CA SER A 14 2.96 -8.09 6.78
C SER A 14 4.40 -7.55 6.82
N GLN A 15 4.92 -7.01 5.71
CA GLN A 15 6.26 -6.43 5.62
C GLN A 15 6.28 -4.97 6.11
N CYS A 16 5.23 -4.21 5.76
CA CYS A 16 4.87 -2.88 6.27
C CYS A 16 3.33 -2.75 6.37
N ARG A 17 2.87 -1.60 6.90
CA ARG A 17 1.44 -1.25 7.04
C ARG A 17 0.65 -1.33 5.72
N ALA A 18 1.28 -1.04 4.57
CA ALA A 18 0.72 -1.27 3.24
C ALA A 18 1.79 -1.29 2.13
N PRO A 19 1.49 -1.89 0.95
CA PRO A 19 2.18 -1.56 -0.30
C PRO A 19 1.76 -0.15 -0.80
N LYS A 20 2.47 0.36 -1.83
CA LYS A 20 2.33 1.71 -2.41
C LYS A 20 0.91 2.09 -2.89
N VAL A 21 0.03 1.09 -3.08
CA VAL A 21 -1.42 1.26 -3.32
C VAL A 21 -2.11 2.13 -2.25
N CYS A 22 -1.61 2.09 -1.01
CA CYS A 22 -2.18 2.73 0.18
C CYS A 22 -1.06 3.16 1.16
N PHE A 23 -1.41 3.31 2.44
CA PHE A 23 -0.52 3.51 3.58
C PHE A 23 -0.91 2.67 4.82
N LYS A 24 -2.17 2.20 4.92
CA LYS A 24 -2.69 1.43 6.06
C LYS A 24 -3.90 0.55 5.76
N CYS A 25 -4.98 1.12 5.21
CA CYS A 25 -6.27 0.45 5.01
C CYS A 25 -6.29 -0.59 3.86
N LYS A 26 -5.50 -0.38 2.79
CA LYS A 26 -5.12 -1.33 1.71
C LYS A 26 -6.22 -2.23 1.11
N GLN A 27 -7.49 -1.83 1.17
CA GLN A 27 -8.62 -2.59 0.59
C GLN A 27 -8.57 -2.60 -0.96
N PRO A 28 -9.11 -3.64 -1.65
CA PRO A 28 -8.91 -3.91 -3.09
C PRO A 28 -9.19 -2.77 -4.10
N GLY A 29 -10.02 -1.78 -3.77
CA GLY A 29 -10.38 -0.67 -4.68
C GLY A 29 -10.76 0.64 -4.01
N HIS A 30 -10.54 0.79 -2.70
CA HIS A 30 -10.87 2.00 -1.93
C HIS A 30 -10.01 3.23 -2.31
N PHE A 31 -8.76 3.00 -2.74
CA PHE A 31 -7.71 4.01 -2.82
C PHE A 31 -8.07 5.15 -3.78
N SER A 32 -8.66 4.86 -4.93
CA SER A 32 -9.15 5.85 -5.92
C SER A 32 -10.24 6.82 -5.39
N LYS A 33 -10.72 6.62 -4.15
CA LYS A 33 -11.72 7.45 -3.46
C LYS A 33 -11.26 7.92 -2.06
N GLN A 34 -10.01 7.67 -1.65
CA GLN A 34 -9.48 8.09 -0.34
C GLN A 34 -7.96 8.33 -0.28
N CYS A 35 -7.15 7.39 -0.81
CA CYS A 35 -5.69 7.33 -0.63
C CYS A 35 -4.90 7.64 -1.93
N ARG A 36 -5.60 7.82 -3.04
CA ARG A 36 -5.08 8.12 -4.39
C ARG A 36 -6.05 8.98 -5.25
N SER A 37 -7.19 9.37 -4.68
CA SER A 37 -8.19 10.29 -5.26
C SER A 37 -7.62 11.67 -5.65
N GLN A 1 5.00 -6.84 -3.71
CA GLN A 1 4.53 -5.55 -4.25
C GLN A 1 5.19 -4.40 -3.50
N THR A 2 5.77 -3.43 -4.21
CA THR A 2 6.56 -2.32 -3.63
C THR A 2 5.89 -1.59 -2.48
N CYS A 3 6.66 -1.30 -1.42
CA CYS A 3 6.23 -0.58 -0.22
C CYS A 3 5.60 0.80 -0.49
N TYR A 4 4.73 1.25 0.41
CA TYR A 4 4.28 2.66 0.48
C TYR A 4 5.38 3.65 0.89
N ASN A 5 6.51 3.16 1.42
CA ASN A 5 7.56 3.97 2.07
C ASN A 5 8.99 3.52 1.70
N CYS A 6 9.27 2.22 1.79
CA CYS A 6 10.63 1.66 1.78
C CYS A 6 11.26 1.51 0.38
N GLY A 7 10.47 1.69 -0.70
CA GLY A 7 10.93 1.57 -2.09
C GLY A 7 11.46 0.18 -2.48
N LYS A 8 10.95 -0.88 -1.83
CA LYS A 8 11.42 -2.27 -1.95
C LYS A 8 10.33 -3.20 -2.50
N PRO A 9 10.47 -3.76 -3.73
CA PRO A 9 9.49 -4.66 -4.36
C PRO A 9 9.00 -5.85 -3.52
N GLY A 10 9.85 -6.40 -2.64
CA GLY A 10 9.57 -7.56 -1.78
C GLY A 10 8.67 -7.28 -0.57
N HIS A 11 7.81 -6.27 -0.64
CA HIS A 11 6.86 -5.92 0.41
C HIS A 11 5.49 -6.60 0.27
N LEU A 12 4.81 -6.69 1.41
CA LEU A 12 3.53 -7.34 1.68
C LEU A 12 2.87 -6.65 2.90
N SER A 13 1.63 -7.00 3.20
CA SER A 13 0.91 -6.63 4.44
C SER A 13 1.63 -7.05 5.74
N SER A 14 2.58 -7.98 5.66
CA SER A 14 3.44 -8.46 6.75
C SER A 14 4.84 -7.81 6.78
N GLN A 15 5.17 -6.97 5.79
CA GLN A 15 6.48 -6.30 5.66
C GLN A 15 6.38 -4.81 6.05
N CYS A 16 5.29 -4.14 5.66
CA CYS A 16 4.83 -2.83 6.16
C CYS A 16 3.30 -2.78 6.26
N ARG A 17 2.81 -1.68 6.85
CA ARG A 17 1.39 -1.32 6.98
C ARG A 17 0.59 -1.44 5.67
N ALA A 18 1.19 -1.09 4.53
CA ALA A 18 0.66 -1.36 3.20
C ALA A 18 1.75 -1.31 2.09
N PRO A 19 1.50 -1.91 0.91
CA PRO A 19 2.21 -1.57 -0.32
C PRO A 19 1.76 -0.19 -0.87
N LYS A 20 2.42 0.28 -1.94
CA LYS A 20 2.20 1.58 -2.61
C LYS A 20 0.77 1.86 -3.09
N VAL A 21 -0.09 0.85 -3.11
CA VAL A 21 -1.56 0.96 -3.27
C VAL A 21 -2.20 1.90 -2.22
N CYS A 22 -1.68 1.93 -1.00
CA CYS A 22 -2.27 2.60 0.16
C CYS A 22 -1.19 3.10 1.15
N PHE A 23 -1.53 3.18 2.42
CA PHE A 23 -0.64 3.41 3.57
C PHE A 23 -1.01 2.54 4.80
N LYS A 24 -2.27 2.06 4.89
CA LYS A 24 -2.75 1.22 6.02
C LYS A 24 -3.96 0.35 5.67
N CYS A 25 -5.05 0.95 5.18
CA CYS A 25 -6.35 0.29 4.99
C CYS A 25 -6.42 -0.69 3.81
N LYS A 26 -5.67 -0.44 2.71
CA LYS A 26 -5.35 -1.34 1.58
C LYS A 26 -6.48 -2.23 1.00
N GLN A 27 -7.75 -1.82 1.12
CA GLN A 27 -8.91 -2.55 0.57
C GLN A 27 -8.92 -2.55 -0.97
N PRO A 28 -9.52 -3.56 -1.65
CA PRO A 28 -9.39 -3.83 -3.10
C PRO A 28 -9.64 -2.70 -4.12
N GLY A 29 -10.34 -1.62 -3.76
CA GLY A 29 -10.64 -0.49 -4.67
C GLY A 29 -10.86 0.88 -4.01
N HIS A 30 -10.75 0.98 -2.69
CA HIS A 30 -10.98 2.22 -1.93
C HIS A 30 -9.99 3.35 -2.26
N PHE A 31 -8.76 3.00 -2.64
CA PHE A 31 -7.61 3.90 -2.69
C PHE A 31 -7.81 5.06 -3.68
N SER A 32 -8.39 4.80 -4.85
CA SER A 32 -8.72 5.81 -5.88
C SER A 32 -9.72 6.87 -5.43
N LYS A 33 -10.31 6.73 -4.22
CA LYS A 33 -11.33 7.61 -3.63
C LYS A 33 -10.96 8.11 -2.22
N GLN A 34 -9.75 7.79 -1.71
CA GLN A 34 -9.33 8.14 -0.35
C GLN A 34 -7.81 8.36 -0.17
N CYS A 35 -6.98 7.48 -0.73
CA CYS A 35 -5.55 7.38 -0.40
C CYS A 35 -4.60 7.73 -1.56
N ARG A 36 -5.07 7.54 -2.81
CA ARG A 36 -4.39 7.83 -4.09
C ARG A 36 -5.21 8.80 -4.97
N SER A 37 -6.40 9.21 -4.51
CA SER A 37 -7.31 10.19 -5.13
C SER A 37 -6.65 11.54 -5.45
N GLN A 1 4.62 -7.58 -3.66
CA GLN A 1 4.27 -6.17 -4.05
C GLN A 1 5.45 -5.23 -3.71
N THR A 2 5.24 -3.91 -3.82
CA THR A 2 6.25 -2.85 -3.58
C THR A 2 5.78 -1.92 -2.46
N CYS A 3 6.69 -1.47 -1.60
CA CYS A 3 6.39 -0.70 -0.39
C CYS A 3 5.73 0.67 -0.64
N TYR A 4 4.91 1.12 0.31
CA TYR A 4 4.43 2.50 0.42
C TYR A 4 5.49 3.53 0.88
N ASN A 5 6.62 3.06 1.44
CA ASN A 5 7.59 3.89 2.18
C ASN A 5 9.05 3.56 1.85
N CYS A 6 9.42 2.28 1.87
CA CYS A 6 10.80 1.81 1.77
C CYS A 6 11.39 1.93 0.34
N GLY A 7 10.55 2.10 -0.69
CA GLY A 7 10.97 2.11 -2.10
C GLY A 7 11.62 0.80 -2.53
N LYS A 8 11.02 -0.34 -2.17
CA LYS A 8 11.56 -1.70 -2.34
C LYS A 8 10.49 -2.71 -2.76
N PRO A 9 10.81 -3.70 -3.63
CA PRO A 9 9.97 -4.88 -3.86
C PRO A 9 9.99 -5.81 -2.63
N GLY A 10 9.44 -7.03 -2.76
CA GLY A 10 9.40 -8.02 -1.68
C GLY A 10 8.54 -7.60 -0.48
N HIS A 11 7.53 -6.76 -0.74
CA HIS A 11 6.69 -6.13 0.28
C HIS A 11 5.25 -6.63 0.21
N LEU A 12 4.62 -6.70 1.39
CA LEU A 12 3.31 -7.26 1.70
C LEU A 12 2.79 -6.61 2.99
N SER A 13 1.54 -6.91 3.36
CA SER A 13 0.94 -6.59 4.68
C SER A 13 1.73 -7.13 5.89
N SER A 14 2.59 -8.14 5.68
CA SER A 14 3.49 -8.74 6.67
C SER A 14 4.90 -8.11 6.69
N GLN A 15 5.21 -7.20 5.76
CA GLN A 15 6.50 -6.50 5.64
C GLN A 15 6.39 -5.04 6.11
N CYS A 16 5.31 -4.36 5.72
CA CYS A 16 4.93 -2.99 6.09
C CYS A 16 3.40 -2.86 6.26
N ARG A 17 2.95 -1.72 6.78
CA ARG A 17 1.52 -1.40 7.00
C ARG A 17 0.66 -1.48 5.74
N ALA A 18 1.23 -1.18 4.57
CA ALA A 18 0.62 -1.44 3.26
C ALA A 18 1.67 -1.47 2.13
N PRO A 19 1.36 -2.07 0.97
CA PRO A 19 2.05 -1.79 -0.29
C PRO A 19 1.67 -0.39 -0.83
N LYS A 20 2.36 0.06 -1.89
CA LYS A 20 2.24 1.38 -2.53
C LYS A 20 0.82 1.81 -2.94
N VAL A 21 -0.11 0.85 -3.07
CA VAL A 21 -1.56 1.06 -3.26
C VAL A 21 -2.18 1.99 -2.20
N CYS A 22 -1.66 1.95 -0.97
CA CYS A 22 -2.21 2.62 0.22
C CYS A 22 -1.08 3.02 1.20
N PHE A 23 -1.43 3.20 2.47
CA PHE A 23 -0.54 3.36 3.62
C PHE A 23 -0.99 2.55 4.86
N LYS A 24 -2.26 2.09 4.91
CA LYS A 24 -2.86 1.41 6.07
C LYS A 24 -4.05 0.50 5.70
N CYS A 25 -5.12 1.08 5.14
CA CYS A 25 -6.42 0.43 4.94
C CYS A 25 -6.46 -0.59 3.78
N LYS A 26 -5.68 -0.36 2.70
CA LYS A 26 -5.34 -1.30 1.61
C LYS A 26 -6.46 -2.19 1.02
N GLN A 27 -7.72 -1.77 1.11
CA GLN A 27 -8.88 -2.48 0.53
C GLN A 27 -8.86 -2.47 -1.02
N PRO A 28 -9.45 -3.47 -1.72
CA PRO A 28 -9.30 -3.71 -3.17
C PRO A 28 -9.56 -2.56 -4.16
N GLY A 29 -10.31 -1.51 -3.78
CA GLY A 29 -10.62 -0.37 -4.66
C GLY A 29 -10.86 0.98 -3.97
N HIS A 30 -10.70 1.06 -2.64
CA HIS A 30 -10.95 2.27 -1.84
C HIS A 30 -10.01 3.44 -2.19
N PHE A 31 -8.78 3.13 -2.64
CA PHE A 31 -7.70 4.11 -2.80
C PHE A 31 -8.05 5.21 -3.81
N SER A 32 -8.70 4.86 -4.93
CA SER A 32 -9.17 5.79 -5.97
C SER A 32 -10.17 6.87 -5.48
N LYS A 33 -10.64 6.77 -4.23
CA LYS A 33 -11.55 7.73 -3.58
C LYS A 33 -11.14 8.11 -2.14
N GLN A 34 -9.90 7.79 -1.72
CA GLN A 34 -9.38 8.18 -0.39
C GLN A 34 -7.85 8.39 -0.36
N CYS A 35 -7.07 7.40 -0.82
CA CYS A 35 -5.61 7.34 -0.65
C CYS A 35 -4.82 7.64 -1.95
N ARG A 36 -5.52 7.85 -3.07
CA ARG A 36 -5.01 8.08 -4.43
C ARG A 36 -5.96 8.91 -5.30
N SER A 37 -6.90 9.64 -4.68
CA SER A 37 -7.93 10.51 -5.30
C SER A 37 -7.38 11.46 -6.38
N GLN A 1 4.89 -6.94 -3.63
CA GLN A 1 4.41 -5.65 -4.18
C GLN A 1 5.10 -4.49 -3.46
N THR A 2 5.61 -3.50 -4.20
CA THR A 2 6.43 -2.40 -3.68
C THR A 2 5.82 -1.66 -2.48
N CYS A 3 6.64 -1.37 -1.47
CA CYS A 3 6.27 -0.68 -0.23
C CYS A 3 5.68 0.73 -0.45
N TYR A 4 4.83 1.17 0.48
CA TYR A 4 4.40 2.57 0.60
C TYR A 4 5.51 3.54 1.05
N ASN A 5 6.63 3.02 1.58
CA ASN A 5 7.67 3.80 2.23
C ASN A 5 9.10 3.40 1.80
N CYS A 6 9.38 2.09 1.76
CA CYS A 6 10.74 1.55 1.62
C CYS A 6 11.24 1.47 0.16
N GLY A 7 10.37 1.69 -0.83
CA GLY A 7 10.70 1.64 -2.26
C GLY A 7 11.23 0.28 -2.75
N LYS A 8 10.80 -0.83 -2.13
CA LYS A 8 11.37 -2.18 -2.29
C LYS A 8 10.27 -3.18 -2.71
N PRO A 9 10.35 -3.81 -3.91
CA PRO A 9 9.34 -4.73 -4.44
C PRO A 9 8.90 -5.89 -3.53
N GLY A 10 9.80 -6.40 -2.68
CA GLY A 10 9.59 -7.56 -1.79
C GLY A 10 8.74 -7.29 -0.55
N HIS A 11 7.73 -6.42 -0.65
CA HIS A 11 6.84 -6.04 0.44
C HIS A 11 5.44 -6.68 0.34
N LEU A 12 4.79 -6.77 1.49
CA LEU A 12 3.52 -7.42 1.78
C LEU A 12 2.88 -6.73 3.01
N SER A 13 1.62 -7.05 3.31
CA SER A 13 0.88 -6.63 4.53
C SER A 13 1.56 -7.01 5.87
N SER A 14 2.59 -7.87 5.84
CA SER A 14 3.39 -8.29 7.00
C SER A 14 4.85 -7.81 6.94
N GLN A 15 5.23 -7.07 5.88
CA GLN A 15 6.56 -6.44 5.74
C GLN A 15 6.49 -4.95 6.18
N CYS A 16 5.41 -4.26 5.80
CA CYS A 16 5.00 -2.92 6.26
C CYS A 16 3.46 -2.84 6.38
N ARG A 17 2.95 -1.72 6.90
CA ARG A 17 1.51 -1.42 7.06
C ARG A 17 0.71 -1.52 5.76
N ALA A 18 1.30 -1.19 4.61
CA ALA A 18 0.71 -1.39 3.29
C ALA A 18 1.76 -1.39 2.15
N PRO A 19 1.43 -1.97 0.97
CA PRO A 19 2.11 -1.64 -0.28
C PRO A 19 1.72 -0.23 -0.77
N LYS A 20 2.41 0.26 -1.82
CA LYS A 20 2.27 1.61 -2.42
C LYS A 20 0.85 2.00 -2.83
N VAL A 21 -0.05 1.03 -3.02
CA VAL A 21 -1.50 1.22 -3.23
C VAL A 21 -2.16 2.10 -2.16
N CYS A 22 -1.65 2.05 -0.92
CA CYS A 22 -2.22 2.70 0.27
C CYS A 22 -1.10 3.11 1.26
N PHE A 23 -1.46 3.23 2.54
CA PHE A 23 -0.58 3.40 3.70
C PHE A 23 -1.02 2.56 4.93
N LYS A 24 -2.29 2.09 4.97
CA LYS A 24 -2.86 1.35 6.11
C LYS A 24 -4.04 0.44 5.74
N CYS A 25 -5.12 1.00 5.19
CA CYS A 25 -6.40 0.31 4.96
C CYS A 25 -6.42 -0.65 3.76
N LYS A 26 -5.64 -0.37 2.71
CA LYS A 26 -5.26 -1.25 1.58
C LYS A 26 -6.34 -2.16 0.94
N GLN A 27 -7.62 -1.77 1.01
CA GLN A 27 -8.74 -2.52 0.41
C GLN A 27 -8.69 -2.50 -1.15
N PRO A 28 -9.23 -3.51 -1.85
CA PRO A 28 -9.02 -3.74 -3.30
C PRO A 28 -9.30 -2.59 -4.29
N GLY A 29 -10.13 -1.59 -3.94
CA GLY A 29 -10.48 -0.47 -4.83
C GLY A 29 -10.81 0.85 -4.14
N HIS A 30 -10.60 0.95 -2.82
CA HIS A 30 -10.89 2.16 -2.03
C HIS A 30 -9.99 3.37 -2.38
N PHE A 31 -8.74 3.10 -2.81
CA PHE A 31 -7.66 4.08 -2.85
C PHE A 31 -7.97 5.25 -3.80
N SER A 32 -8.52 4.98 -4.99
CA SER A 32 -8.96 5.99 -5.96
C SER A 32 -10.03 6.97 -5.46
N LYS A 33 -10.56 6.75 -4.24
CA LYS A 33 -11.64 7.52 -3.58
C LYS A 33 -11.27 7.97 -2.16
N GLN A 34 -10.03 7.73 -1.70
CA GLN A 34 -9.58 8.12 -0.35
C GLN A 34 -8.05 8.38 -0.26
N CYS A 35 -7.22 7.43 -0.71
CA CYS A 35 -5.76 7.40 -0.47
C CYS A 35 -4.93 7.75 -1.73
N ARG A 36 -5.60 7.98 -2.87
CA ARG A 36 -5.03 8.28 -4.19
C ARG A 36 -5.97 9.12 -5.09
N SER A 37 -6.94 9.80 -4.47
CA SER A 37 -7.96 10.67 -5.10
C SER A 37 -7.39 11.69 -6.10
N GLN A 1 4.44 -7.41 -3.92
CA GLN A 1 4.15 -6.00 -4.28
C GLN A 1 5.31 -5.10 -3.86
N THR A 2 5.13 -3.77 -3.85
CA THR A 2 6.18 -2.76 -3.59
C THR A 2 5.75 -1.84 -2.44
N CYS A 3 6.68 -1.44 -1.58
CA CYS A 3 6.41 -0.69 -0.35
C CYS A 3 5.80 0.70 -0.56
N TYR A 4 4.97 1.13 0.39
CA TYR A 4 4.52 2.52 0.54
C TYR A 4 5.63 3.50 1.00
N ASN A 5 6.74 3.01 1.56
CA ASN A 5 7.73 3.83 2.27
C ASN A 5 9.20 3.42 2.02
N CYS A 6 9.51 2.12 2.01
CA CYS A 6 10.87 1.59 1.90
C CYS A 6 11.50 1.77 0.49
N GLY A 7 10.68 2.03 -0.54
CA GLY A 7 11.13 2.07 -1.95
C GLY A 7 11.65 0.72 -2.45
N LYS A 8 11.04 -0.38 -2.00
CA LYS A 8 11.52 -1.76 -2.16
C LYS A 8 10.42 -2.70 -2.71
N PRO A 9 10.77 -3.66 -3.59
CA PRO A 9 9.92 -4.80 -3.93
C PRO A 9 9.87 -5.81 -2.75
N GLY A 10 9.29 -7.00 -2.97
CA GLY A 10 9.19 -8.06 -1.96
C GLY A 10 8.34 -7.65 -0.74
N HIS A 11 7.35 -6.78 -0.98
CA HIS A 11 6.55 -6.12 0.05
C HIS A 11 5.07 -6.51 -0.02
N LEU A 12 4.46 -6.57 1.15
CA LEU A 12 3.10 -7.03 1.45
C LEU A 12 2.62 -6.38 2.77
N SER A 13 1.36 -6.60 3.15
CA SER A 13 0.83 -6.31 4.49
C SER A 13 1.57 -7.01 5.64
N SER A 14 2.35 -8.05 5.35
CA SER A 14 3.23 -8.77 6.29
C SER A 14 4.68 -8.24 6.31
N GLN A 15 5.01 -7.22 5.49
CA GLN A 15 6.34 -6.62 5.39
C GLN A 15 6.33 -5.16 5.87
N CYS A 16 5.27 -4.42 5.56
CA CYS A 16 4.96 -3.05 6.03
C CYS A 16 3.44 -2.89 6.26
N ARG A 17 3.05 -1.74 6.84
CA ARG A 17 1.65 -1.35 7.10
C ARG A 17 0.76 -1.42 5.86
N ALA A 18 1.30 -1.13 4.68
CA ALA A 18 0.67 -1.38 3.37
C ALA A 18 1.72 -1.43 2.23
N PRO A 19 1.40 -2.05 1.08
CA PRO A 19 2.07 -1.75 -0.19
C PRO A 19 1.67 -0.36 -0.70
N LYS A 20 2.37 0.14 -1.73
CA LYS A 20 2.23 1.49 -2.33
C LYS A 20 0.82 1.90 -2.78
N VAL A 21 -0.08 0.93 -2.96
CA VAL A 21 -1.53 1.11 -3.16
C VAL A 21 -2.17 2.01 -2.08
N CYS A 22 -1.66 1.97 -0.86
CA CYS A 22 -2.18 2.66 0.32
C CYS A 22 -1.02 3.03 1.29
N PHE A 23 -1.36 3.26 2.56
CA PHE A 23 -0.48 3.44 3.71
C PHE A 23 -0.98 2.73 4.98
N LYS A 24 -2.26 2.30 5.01
CA LYS A 24 -2.96 1.78 6.20
C LYS A 24 -4.13 0.85 5.84
N CYS A 25 -5.16 1.39 5.17
CA CYS A 25 -6.45 0.75 4.95
C CYS A 25 -6.42 -0.39 3.90
N LYS A 26 -5.60 -0.26 2.85
CA LYS A 26 -5.21 -1.27 1.83
C LYS A 26 -6.33 -2.19 1.25
N GLN A 27 -7.60 -1.76 1.28
CA GLN A 27 -8.72 -2.51 0.70
C GLN A 27 -8.66 -2.54 -0.85
N PRO A 28 -9.21 -3.58 -1.53
CA PRO A 28 -9.01 -3.85 -2.96
C PRO A 28 -9.28 -2.74 -3.99
N GLY A 29 -10.07 -1.71 -3.66
CA GLY A 29 -10.41 -0.61 -4.58
C GLY A 29 -10.69 0.76 -3.94
N HIS A 30 -10.58 0.88 -2.61
CA HIS A 30 -10.87 2.11 -1.87
C HIS A 30 -9.98 3.31 -2.24
N PHE A 31 -8.73 3.04 -2.64
CA PHE A 31 -7.67 4.03 -2.83
C PHE A 31 -8.04 5.09 -3.88
N SER A 32 -8.67 4.70 -4.99
CA SER A 32 -9.15 5.60 -6.05
C SER A 32 -10.18 6.65 -5.59
N LYS A 33 -10.70 6.54 -4.35
CA LYS A 33 -11.71 7.40 -3.73
C LYS A 33 -11.28 7.96 -2.36
N GLN A 34 -10.04 7.72 -1.92
CA GLN A 34 -9.52 8.21 -0.63
C GLN A 34 -7.99 8.45 -0.64
N CYS A 35 -7.19 7.41 -0.91
CA CYS A 35 -5.74 7.40 -0.72
C CYS A 35 -4.93 7.72 -2.02
N ARG A 36 -5.63 7.87 -3.15
CA ARG A 36 -5.08 8.09 -4.50
C ARG A 36 -6.02 8.86 -5.43
N SER A 37 -7.00 9.57 -4.86
CA SER A 37 -8.03 10.39 -5.55
C SER A 37 -7.47 11.33 -6.62
N GLN A 1 5.22 -6.95 -3.76
CA GLN A 1 4.68 -5.67 -4.27
C GLN A 1 5.32 -4.50 -3.50
N THR A 2 5.87 -3.51 -4.21
CA THR A 2 6.63 -2.38 -3.64
C THR A 2 5.94 -1.68 -2.47
N CYS A 3 6.73 -1.34 -1.44
CA CYS A 3 6.29 -0.63 -0.23
C CYS A 3 5.64 0.73 -0.49
N TYR A 4 4.76 1.17 0.41
CA TYR A 4 4.29 2.56 0.49
C TYR A 4 5.38 3.58 0.92
N ASN A 5 6.50 3.09 1.47
CA ASN A 5 7.53 3.92 2.13
C ASN A 5 8.96 3.54 1.74
N CYS A 6 9.29 2.25 1.77
CA CYS A 6 10.65 1.73 1.70
C CYS A 6 11.23 1.63 0.26
N GLY A 7 10.41 1.83 -0.77
CA GLY A 7 10.81 1.76 -2.19
C GLY A 7 11.41 0.41 -2.62
N LYS A 8 10.94 -0.69 -2.02
CA LYS A 8 11.53 -2.05 -2.11
C LYS A 8 10.48 -3.08 -2.58
N PRO A 9 10.63 -3.68 -3.79
CA PRO A 9 9.66 -4.62 -4.38
C PRO A 9 9.20 -5.79 -3.52
N GLY A 10 10.07 -6.31 -2.64
CA GLY A 10 9.83 -7.48 -1.77
C GLY A 10 8.90 -7.24 -0.57
N HIS A 11 7.99 -6.26 -0.66
CA HIS A 11 7.02 -5.94 0.38
C HIS A 11 5.67 -6.65 0.19
N LEU A 12 4.90 -6.67 1.28
CA LEU A 12 3.65 -7.39 1.49
C LEU A 12 2.80 -6.63 2.53
N SER A 13 1.55 -7.06 2.72
CA SER A 13 0.62 -6.61 3.77
C SER A 13 1.17 -6.74 5.22
N SER A 14 2.26 -7.49 5.41
CA SER A 14 2.93 -7.75 6.68
C SER A 14 4.40 -7.30 6.75
N GLN A 15 5.02 -6.93 5.61
CA GLN A 15 6.39 -6.39 5.57
C GLN A 15 6.43 -4.92 6.07
N CYS A 16 5.39 -4.15 5.72
CA CYS A 16 5.00 -2.85 6.26
C CYS A 16 3.45 -2.79 6.40
N ARG A 17 2.92 -1.67 6.89
CA ARG A 17 1.47 -1.44 7.07
C ARG A 17 0.67 -1.68 5.77
N ALA A 18 1.22 -1.29 4.61
CA ALA A 18 0.66 -1.54 3.29
C ALA A 18 1.73 -1.47 2.17
N PRO A 19 1.48 -2.07 0.98
CA PRO A 19 2.20 -1.75 -0.25
C PRO A 19 1.77 -0.38 -0.81
N LYS A 20 2.43 0.08 -1.89
CA LYS A 20 2.24 1.36 -2.59
C LYS A 20 0.79 1.68 -3.04
N VAL A 21 -0.10 0.69 -3.01
CA VAL A 21 -1.56 0.83 -3.17
C VAL A 21 -2.18 1.78 -2.13
N CYS A 22 -1.68 1.78 -0.89
CA CYS A 22 -2.28 2.45 0.27
C CYS A 22 -1.20 2.92 1.27
N PHE A 23 -1.56 3.04 2.54
CA PHE A 23 -0.68 3.27 3.69
C PHE A 23 -1.12 2.47 4.95
N LYS A 24 -2.38 2.04 5.03
CA LYS A 24 -2.95 1.32 6.18
C LYS A 24 -4.21 0.49 5.84
N CYS A 25 -5.23 1.12 5.24
CA CYS A 25 -6.55 0.53 5.02
C CYS A 25 -6.59 -0.60 3.97
N LYS A 26 -5.78 -0.49 2.90
CA LYS A 26 -5.47 -1.50 1.87
C LYS A 26 -6.65 -2.36 1.32
N GLN A 27 -7.88 -1.84 1.34
CA GLN A 27 -9.08 -2.50 0.79
C GLN A 27 -9.05 -2.57 -0.76
N PRO A 28 -9.67 -3.58 -1.40
CA PRO A 28 -9.50 -3.91 -2.83
C PRO A 28 -9.68 -2.82 -3.89
N GLY A 29 -10.39 -1.73 -3.61
CA GLY A 29 -10.65 -0.65 -4.58
C GLY A 29 -10.97 0.73 -3.98
N HIS A 30 -10.65 0.95 -2.69
CA HIS A 30 -10.92 2.21 -1.99
C HIS A 30 -9.94 3.36 -2.35
N PHE A 31 -8.70 3.00 -2.71
CA PHE A 31 -7.54 3.90 -2.75
C PHE A 31 -7.69 5.06 -3.72
N SER A 32 -8.25 4.83 -4.92
CA SER A 32 -8.50 5.85 -5.95
C SER A 32 -9.51 6.94 -5.55
N LYS A 33 -10.14 6.82 -4.36
CA LYS A 33 -11.17 7.72 -3.81
C LYS A 33 -10.83 8.20 -2.39
N GLN A 34 -9.64 7.89 -1.85
CA GLN A 34 -9.19 8.35 -0.54
C GLN A 34 -7.66 8.51 -0.45
N CYS A 35 -6.91 7.40 -0.59
CA CYS A 35 -5.48 7.32 -0.25
C CYS A 35 -4.55 7.65 -1.42
N ARG A 36 -5.05 7.60 -2.66
CA ARG A 36 -4.26 7.68 -3.92
C ARG A 36 -4.98 8.47 -5.03
N SER A 37 -6.03 9.22 -4.66
CA SER A 37 -6.88 10.07 -5.53
C SER A 37 -6.09 10.96 -6.51
N GLN A 1 4.77 -6.60 -4.00
CA GLN A 1 4.27 -5.24 -4.34
C GLN A 1 5.03 -4.19 -3.55
N THR A 2 5.64 -3.20 -4.22
CA THR A 2 6.54 -2.20 -3.62
C THR A 2 5.95 -1.51 -2.39
N CYS A 3 6.78 -1.34 -1.35
CA CYS A 3 6.42 -0.71 -0.07
C CYS A 3 5.83 0.70 -0.21
N TYR A 4 4.95 1.09 0.72
CA TYR A 4 4.54 2.49 0.88
C TYR A 4 5.68 3.45 1.27
N ASN A 5 6.79 2.93 1.79
CA ASN A 5 7.89 3.69 2.40
C ASN A 5 9.29 3.24 1.93
N CYS A 6 9.56 1.93 1.94
CA CYS A 6 10.90 1.35 1.81
C CYS A 6 11.44 1.29 0.35
N GLY A 7 10.59 1.55 -0.65
CA GLY A 7 10.96 1.53 -2.08
C GLY A 7 11.47 0.17 -2.59
N LYS A 8 10.98 -0.94 -2.01
CA LYS A 8 11.49 -2.31 -2.21
C LYS A 8 10.35 -3.24 -2.71
N PRO A 9 10.43 -3.79 -3.94
CA PRO A 9 9.38 -4.62 -4.56
C PRO A 9 8.84 -5.81 -3.73
N GLY A 10 9.68 -6.44 -2.90
CA GLY A 10 9.36 -7.63 -2.10
C GLY A 10 8.50 -7.39 -0.87
N HIS A 11 7.63 -6.36 -0.90
CA HIS A 11 6.71 -6.02 0.18
C HIS A 11 5.28 -6.54 -0.06
N LEU A 12 4.50 -6.51 1.03
CA LEU A 12 3.14 -7.00 1.18
C LEU A 12 2.45 -6.18 2.28
N SER A 13 1.13 -6.35 2.43
CA SER A 13 0.30 -5.83 3.52
C SER A 13 0.72 -6.25 4.95
N SER A 14 1.74 -7.10 5.07
CA SER A 14 2.33 -7.59 6.33
C SER A 14 3.85 -7.39 6.44
N GLN A 15 4.55 -7.03 5.35
CA GLN A 15 5.98 -6.68 5.36
C GLN A 15 6.19 -5.28 5.97
N CYS A 16 5.28 -4.34 5.66
CA CYS A 16 5.08 -3.03 6.27
C CYS A 16 3.56 -2.79 6.45
N ARG A 17 3.19 -1.60 6.95
CA ARG A 17 1.79 -1.18 7.19
C ARG A 17 0.91 -1.35 5.93
N ALA A 18 1.46 -1.06 4.75
CA ALA A 18 0.85 -1.33 3.44
C ALA A 18 1.89 -1.35 2.30
N PRO A 19 1.58 -1.91 1.13
CA PRO A 19 2.25 -1.57 -0.13
C PRO A 19 1.83 -0.16 -0.61
N LYS A 20 2.52 0.40 -1.62
CA LYS A 20 2.35 1.77 -2.14
C LYS A 20 0.94 2.13 -2.62
N VAL A 21 0.08 1.13 -2.83
CA VAL A 21 -1.38 1.26 -3.05
C VAL A 21 -2.06 2.13 -1.96
N CYS A 22 -1.56 2.07 -0.73
CA CYS A 22 -2.11 2.71 0.47
C CYS A 22 -0.99 3.10 1.46
N PHE A 23 -1.37 3.29 2.72
CA PHE A 23 -0.51 3.47 3.89
C PHE A 23 -1.02 2.71 5.14
N LYS A 24 -2.29 2.28 5.17
CA LYS A 24 -2.94 1.64 6.33
C LYS A 24 -4.14 0.75 5.96
N CYS A 25 -5.18 1.32 5.36
CA CYS A 25 -6.48 0.69 5.10
C CYS A 25 -6.45 -0.42 4.02
N LYS A 26 -5.58 -0.27 3.00
CA LYS A 26 -5.13 -1.28 1.99
C LYS A 26 -6.16 -2.24 1.39
N GLN A 27 -7.45 -1.87 1.35
CA GLN A 27 -8.52 -2.67 0.71
C GLN A 27 -8.38 -2.69 -0.83
N PRO A 28 -8.88 -3.74 -1.53
CA PRO A 28 -8.63 -4.01 -2.97
C PRO A 28 -8.90 -2.89 -3.99
N GLY A 29 -9.75 -1.90 -3.68
CA GLY A 29 -10.10 -0.81 -4.62
C GLY A 29 -10.45 0.55 -3.98
N HIS A 30 -10.37 0.67 -2.65
CA HIS A 30 -10.72 1.90 -1.91
C HIS A 30 -9.86 3.13 -2.27
N PHE A 31 -8.60 2.90 -2.68
CA PHE A 31 -7.58 3.94 -2.84
C PHE A 31 -7.98 4.99 -3.89
N SER A 32 -8.58 4.58 -5.01
CA SER A 32 -9.11 5.47 -6.05
C SER A 32 -10.21 6.45 -5.58
N LYS A 33 -10.71 6.29 -4.35
CA LYS A 33 -11.78 7.09 -3.72
C LYS A 33 -11.37 7.68 -2.36
N GLN A 34 -10.11 7.50 -1.93
CA GLN A 34 -9.60 8.04 -0.65
C GLN A 34 -8.09 8.34 -0.69
N CYS A 35 -7.25 7.31 -0.85
CA CYS A 35 -5.80 7.37 -0.67
C CYS A 35 -5.01 7.76 -1.94
N ARG A 36 -5.70 7.87 -3.09
CA ARG A 36 -5.14 8.11 -4.43
C ARG A 36 -6.11 8.83 -5.39
N SER A 37 -7.14 9.48 -4.84
CA SER A 37 -8.20 10.24 -5.56
C SER A 37 -7.66 11.22 -6.62
N GLN A 1 4.82 -6.82 -3.59
CA GLN A 1 4.41 -5.51 -4.19
C GLN A 1 5.10 -4.37 -3.45
N THR A 2 5.66 -3.39 -4.18
CA THR A 2 6.50 -2.30 -3.63
C THR A 2 5.88 -1.57 -2.43
N CYS A 3 6.68 -1.36 -1.38
CA CYS A 3 6.31 -0.70 -0.13
C CYS A 3 5.70 0.70 -0.31
N TYR A 4 4.82 1.11 0.61
CA TYR A 4 4.38 2.50 0.75
C TYR A 4 5.50 3.50 1.09
N ASN A 5 6.62 3.01 1.65
CA ASN A 5 7.69 3.83 2.25
C ASN A 5 9.10 3.41 1.78
N CYS A 6 9.40 2.11 1.81
CA CYS A 6 10.76 1.57 1.69
C CYS A 6 11.27 1.47 0.23
N GLY A 7 10.41 1.68 -0.78
CA GLY A 7 10.75 1.64 -2.20
C GLY A 7 11.32 0.30 -2.69
N LYS A 8 10.86 -0.82 -2.10
CA LYS A 8 11.40 -2.18 -2.30
C LYS A 8 10.29 -3.17 -2.69
N PRO A 9 10.34 -3.81 -3.88
CA PRO A 9 9.30 -4.73 -4.40
C PRO A 9 8.86 -5.87 -3.47
N GLY A 10 9.76 -6.39 -2.62
CA GLY A 10 9.54 -7.54 -1.73
C GLY A 10 8.70 -7.26 -0.48
N HIS A 11 7.68 -6.41 -0.60
CA HIS A 11 6.79 -6.02 0.49
C HIS A 11 5.38 -6.61 0.38
N LEU A 12 4.74 -6.71 1.54
CA LEU A 12 3.44 -7.33 1.83
C LEU A 12 2.87 -6.66 3.10
N SER A 13 1.61 -6.98 3.44
CA SER A 13 0.97 -6.64 4.72
C SER A 13 1.73 -7.13 5.97
N SER A 14 2.62 -8.11 5.81
CA SER A 14 3.51 -8.66 6.84
C SER A 14 4.91 -8.03 6.88
N GLN A 15 5.22 -7.13 5.92
CA GLN A 15 6.54 -6.47 5.79
C GLN A 15 6.46 -4.99 6.24
N CYS A 16 5.40 -4.28 5.83
CA CYS A 16 5.01 -2.93 6.27
C CYS A 16 3.47 -2.81 6.36
N ARG A 17 2.98 -1.65 6.83
CA ARG A 17 1.55 -1.35 6.98
C ARG A 17 0.75 -1.55 5.69
N ALA A 18 1.33 -1.21 4.53
CA ALA A 18 0.75 -1.46 3.20
C ALA A 18 1.81 -1.40 2.08
N PRO A 19 1.52 -1.97 0.88
CA PRO A 19 2.19 -1.59 -0.36
C PRO A 19 1.75 -0.19 -0.83
N LYS A 20 2.45 0.38 -1.82
CA LYS A 20 2.28 1.75 -2.35
C LYS A 20 0.87 2.12 -2.84
N VAL A 21 0.01 1.13 -3.07
CA VAL A 21 -1.44 1.29 -3.32
C VAL A 21 -2.13 2.13 -2.23
N CYS A 22 -1.64 2.05 -0.98
CA CYS A 22 -2.18 2.69 0.21
C CYS A 22 -1.03 3.09 1.18
N PHE A 23 -1.38 3.27 2.46
CA PHE A 23 -0.48 3.42 3.60
C PHE A 23 -0.96 2.61 4.84
N LYS A 24 -2.20 2.09 4.82
CA LYS A 24 -2.87 1.44 5.97
C LYS A 24 -4.02 0.51 5.55
N CYS A 25 -5.06 1.08 4.93
CA CYS A 25 -6.35 0.45 4.68
C CYS A 25 -6.33 -0.64 3.60
N LYS A 26 -5.54 -0.44 2.52
CA LYS A 26 -5.19 -1.39 1.44
C LYS A 26 -6.31 -2.26 0.84
N GLN A 27 -7.58 -1.85 0.95
CA GLN A 27 -8.74 -2.56 0.37
C GLN A 27 -8.75 -2.47 -1.18
N PRO A 28 -9.33 -3.47 -1.90
CA PRO A 28 -9.21 -3.63 -3.37
C PRO A 28 -9.55 -2.46 -4.30
N GLY A 29 -10.32 -1.46 -3.86
CA GLY A 29 -10.72 -0.30 -4.68
C GLY A 29 -11.01 0.99 -3.92
N HIS A 30 -10.67 1.06 -2.64
CA HIS A 30 -10.89 2.25 -1.80
C HIS A 30 -9.94 3.41 -2.14
N PHE A 31 -8.73 3.11 -2.64
CA PHE A 31 -7.64 4.08 -2.79
C PHE A 31 -7.99 5.19 -3.79
N SER A 32 -8.58 4.85 -4.94
CA SER A 32 -9.05 5.80 -5.98
C SER A 32 -10.12 6.80 -5.49
N LYS A 33 -10.63 6.65 -4.26
CA LYS A 33 -11.64 7.50 -3.62
C LYS A 33 -11.31 7.87 -2.16
N GLN A 34 -10.07 7.66 -1.70
CA GLN A 34 -9.60 8.06 -0.36
C GLN A 34 -8.08 8.34 -0.30
N CYS A 35 -7.25 7.40 -0.74
CA CYS A 35 -5.79 7.41 -0.52
C CYS A 35 -4.97 7.77 -1.79
N ARG A 36 -5.66 7.96 -2.93
CA ARG A 36 -5.11 8.24 -4.26
C ARG A 36 -6.08 9.05 -5.16
N SER A 37 -7.06 9.72 -4.55
CA SER A 37 -8.12 10.54 -5.19
C SER A 37 -7.58 11.55 -6.21
N GLN A 1 4.36 -7.20 -4.10
CA GLN A 1 4.11 -5.78 -4.40
C GLN A 1 5.30 -4.92 -3.94
N THR A 2 5.14 -3.59 -3.85
CA THR A 2 6.20 -2.61 -3.56
C THR A 2 5.79 -1.73 -2.38
N CYS A 3 6.71 -1.44 -1.46
CA CYS A 3 6.43 -0.72 -0.21
C CYS A 3 5.87 0.69 -0.40
N TYR A 4 5.00 1.14 0.52
CA TYR A 4 4.60 2.54 0.63
C TYR A 4 5.73 3.49 1.07
N ASN A 5 6.79 2.98 1.72
CA ASN A 5 7.79 3.80 2.41
C ASN A 5 9.26 3.35 2.17
N CYS A 6 9.54 2.05 2.15
CA CYS A 6 10.90 1.51 1.98
C CYS A 6 11.46 1.68 0.55
N GLY A 7 10.58 1.95 -0.44
CA GLY A 7 10.95 1.98 -1.87
C GLY A 7 11.48 0.65 -2.41
N LYS A 8 11.06 -0.49 -1.82
CA LYS A 8 11.53 -1.84 -2.11
C LYS A 8 10.42 -2.72 -2.73
N PRO A 9 10.77 -3.67 -3.62
CA PRO A 9 9.91 -4.80 -3.98
C PRO A 9 9.82 -5.81 -2.82
N GLY A 10 9.26 -7.00 -3.07
CA GLY A 10 9.14 -8.06 -2.05
C GLY A 10 8.27 -7.66 -0.85
N HIS A 11 7.29 -6.77 -1.08
CA HIS A 11 6.49 -6.12 -0.04
C HIS A 11 5.00 -6.47 -0.16
N LEU A 12 4.35 -6.54 0.99
CA LEU A 12 2.99 -7.02 1.24
C LEU A 12 2.45 -6.39 2.53
N SER A 13 1.17 -6.61 2.81
CA SER A 13 0.48 -6.32 4.08
C SER A 13 1.15 -6.91 5.34
N SER A 14 2.03 -7.92 5.15
CA SER A 14 2.80 -8.60 6.20
C SER A 14 4.27 -8.14 6.29
N GLN A 15 4.76 -7.38 5.32
CA GLN A 15 6.13 -6.83 5.29
C GLN A 15 6.19 -5.42 5.92
N CYS A 16 5.19 -4.58 5.60
CA CYS A 16 4.98 -3.22 6.11
C CYS A 16 3.48 -2.92 6.29
N ARG A 17 3.19 -1.75 6.89
CA ARG A 17 1.83 -1.21 7.12
C ARG A 17 0.94 -1.20 5.87
N ALA A 18 1.51 -0.95 4.69
CA ALA A 18 0.87 -1.18 3.39
C ALA A 18 1.91 -1.22 2.24
N PRO A 19 1.56 -1.82 1.07
CA PRO A 19 2.21 -1.50 -0.20
C PRO A 19 1.80 -0.09 -0.69
N LYS A 20 2.50 0.44 -1.70
CA LYS A 20 2.34 1.80 -2.29
C LYS A 20 0.91 2.16 -2.73
N VAL A 21 0.06 1.16 -2.95
CA VAL A 21 -1.40 1.29 -3.16
C VAL A 21 -2.08 2.17 -2.09
N CYS A 22 -1.57 2.13 -0.86
CA CYS A 22 -2.12 2.82 0.32
C CYS A 22 -0.98 3.23 1.29
N PHE A 23 -1.32 3.42 2.56
CA PHE A 23 -0.44 3.62 3.71
C PHE A 23 -0.88 2.84 4.97
N LYS A 24 -2.16 2.42 5.04
CA LYS A 24 -2.72 1.73 6.22
C LYS A 24 -3.95 0.85 5.92
N CYS A 25 -5.00 1.41 5.33
CA CYS A 25 -6.30 0.74 5.12
C CYS A 25 -6.30 -0.33 4.01
N LYS A 26 -5.52 -0.13 2.92
CA LYS A 26 -5.12 -1.11 1.88
C LYS A 26 -6.20 -2.06 1.31
N GLN A 27 -7.48 -1.69 1.36
CA GLN A 27 -8.60 -2.48 0.81
C GLN A 27 -8.58 -2.54 -0.75
N PRO A 28 -9.12 -3.60 -1.38
CA PRO A 28 -8.98 -3.90 -2.82
C PRO A 28 -9.34 -2.82 -3.86
N GLY A 29 -10.15 -1.80 -3.51
CA GLY A 29 -10.55 -0.73 -4.43
C GLY A 29 -10.89 0.62 -3.79
N HIS A 30 -10.56 0.80 -2.50
CA HIS A 30 -10.81 2.05 -1.77
C HIS A 30 -9.89 3.22 -2.20
N PHE A 31 -8.68 2.91 -2.68
CA PHE A 31 -7.61 3.89 -2.90
C PHE A 31 -8.00 4.93 -3.96
N SER A 32 -8.57 4.52 -5.08
CA SER A 32 -9.08 5.39 -6.16
C SER A 32 -10.18 6.38 -5.74
N LYS A 33 -10.66 6.29 -4.49
CA LYS A 33 -11.70 7.14 -3.89
C LYS A 33 -11.39 7.60 -2.45
N GLN A 34 -10.13 7.44 -1.99
CA GLN A 34 -9.68 7.95 -0.68
C GLN A 34 -8.17 8.30 -0.65
N CYS A 35 -7.30 7.33 -0.98
CA CYS A 35 -5.84 7.41 -0.79
C CYS A 35 -5.05 7.72 -2.08
N ARG A 36 -5.74 7.80 -3.22
CA ARG A 36 -5.21 8.01 -4.57
C ARG A 36 -6.21 8.70 -5.54
N SER A 37 -7.21 9.37 -4.97
CA SER A 37 -8.30 10.11 -5.67
C SER A 37 -7.80 11.04 -6.78
N GLN A 1 4.61 -7.22 -4.19
CA GLN A 1 4.35 -5.80 -4.54
C GLN A 1 5.53 -4.92 -4.05
N THR A 2 5.35 -3.60 -3.99
CA THR A 2 6.37 -2.60 -3.63
C THR A 2 5.90 -1.78 -2.42
N CYS A 3 6.82 -1.36 -1.55
CA CYS A 3 6.48 -0.65 -0.31
C CYS A 3 5.86 0.74 -0.51
N TYR A 4 4.99 1.14 0.43
CA TYR A 4 4.53 2.52 0.60
C TYR A 4 5.61 3.52 1.09
N ASN A 5 6.71 3.03 1.67
CA ASN A 5 7.68 3.84 2.41
C ASN A 5 9.15 3.47 2.12
N CYS A 6 9.49 2.18 2.14
CA CYS A 6 10.86 1.69 1.94
C CYS A 6 11.35 1.87 0.48
N GLY A 7 10.42 1.94 -0.49
CA GLY A 7 10.69 1.93 -1.93
C GLY A 7 11.18 0.59 -2.50
N LYS A 8 11.31 -0.45 -1.65
CA LYS A 8 11.76 -1.79 -2.02
C LYS A 8 10.63 -2.63 -2.66
N PRO A 9 10.97 -3.57 -3.56
CA PRO A 9 10.08 -4.68 -3.97
C PRO A 9 9.96 -5.72 -2.83
N GLY A 10 9.39 -6.90 -3.11
CA GLY A 10 9.24 -7.99 -2.13
C GLY A 10 8.36 -7.60 -0.93
N HIS A 11 7.42 -6.68 -1.14
CA HIS A 11 6.59 -6.05 -0.11
C HIS A 11 5.11 -6.41 -0.26
N LEU A 12 4.43 -6.46 0.89
CA LEU A 12 3.06 -6.93 1.10
C LEU A 12 2.49 -6.26 2.36
N SER A 13 1.20 -6.47 2.60
CA SER A 13 0.44 -6.09 3.81
C SER A 13 0.99 -6.61 5.15
N SER A 14 2.02 -7.47 5.11
CA SER A 14 2.73 -8.06 6.26
C SER A 14 4.23 -7.72 6.30
N GLN A 15 4.82 -7.23 5.21
CA GLN A 15 6.19 -6.71 5.17
C GLN A 15 6.27 -5.28 5.76
N CYS A 16 5.23 -4.48 5.49
CA CYS A 16 4.99 -3.14 6.03
C CYS A 16 3.49 -2.92 6.30
N ARG A 17 3.13 -1.76 6.87
CA ARG A 17 1.74 -1.36 7.16
C ARG A 17 0.82 -1.44 5.94
N ALA A 18 1.35 -1.18 4.74
CA ALA A 18 0.71 -1.45 3.46
C ALA A 18 1.75 -1.51 2.31
N PRO A 19 1.43 -2.13 1.16
CA PRO A 19 2.12 -1.86 -0.11
C PRO A 19 1.72 -0.47 -0.65
N LYS A 20 2.43 0.00 -1.69
CA LYS A 20 2.31 1.33 -2.32
C LYS A 20 0.88 1.75 -2.74
N VAL A 21 -0.03 0.79 -2.89
CA VAL A 21 -1.48 0.99 -3.09
C VAL A 21 -2.12 1.91 -2.04
N CYS A 22 -1.61 1.88 -0.80
CA CYS A 22 -2.13 2.58 0.37
C CYS A 22 -0.99 2.95 1.35
N PHE A 23 -1.34 3.18 2.62
CA PHE A 23 -0.45 3.38 3.76
C PHE A 23 -0.95 2.70 5.05
N LYS A 24 -2.24 2.32 5.13
CA LYS A 24 -2.87 1.78 6.36
C LYS A 24 -4.08 0.88 6.10
N CYS A 25 -5.12 1.40 5.44
CA CYS A 25 -6.43 0.75 5.28
C CYS A 25 -6.48 -0.32 4.16
N LYS A 26 -5.68 -0.16 3.09
CA LYS A 26 -5.30 -1.16 2.07
C LYS A 26 -6.40 -2.10 1.50
N GLN A 27 -7.67 -1.67 1.50
CA GLN A 27 -8.79 -2.43 0.93
C GLN A 27 -8.72 -2.55 -0.62
N PRO A 28 -9.28 -3.60 -1.25
CA PRO A 28 -9.08 -3.96 -2.66
C PRO A 28 -9.29 -2.88 -3.75
N GLY A 29 -10.08 -1.83 -3.50
CA GLY A 29 -10.38 -0.78 -4.48
C GLY A 29 -10.65 0.63 -3.91
N HIS A 30 -10.52 0.82 -2.59
CA HIS A 30 -10.79 2.09 -1.90
C HIS A 30 -9.87 3.25 -2.32
N PHE A 31 -8.64 2.94 -2.76
CA PHE A 31 -7.57 3.92 -2.95
C PHE A 31 -7.95 5.00 -3.99
N SER A 32 -8.58 4.61 -5.11
CA SER A 32 -9.07 5.51 -6.17
C SER A 32 -10.10 6.56 -5.70
N LYS A 33 -10.60 6.48 -4.46
CA LYS A 33 -11.56 7.42 -3.84
C LYS A 33 -11.13 7.92 -2.45
N GLN A 34 -9.89 7.65 -2.01
CA GLN A 34 -9.40 8.08 -0.68
C GLN A 34 -7.87 8.31 -0.60
N CYS A 35 -7.07 7.35 -1.08
CA CYS A 35 -5.60 7.29 -0.86
C CYS A 35 -4.77 7.51 -2.15
N ARG A 36 -5.45 7.64 -3.30
CA ARG A 36 -4.88 7.87 -4.65
C ARG A 36 -5.84 8.64 -5.59
N SER A 37 -6.93 9.20 -5.05
CA SER A 37 -7.90 10.07 -5.74
C SER A 37 -7.29 11.35 -6.32
#